data_1K2O
#
_entry.id   1K2O
#
_cell.length_a   63.870
_cell.length_b   67.050
_cell.length_c   72.520
_cell.angle_alpha   71.16
_cell.angle_beta   65.20
_cell.angle_gamma   62.31
#
_symmetry.space_group_name_H-M   'P 1'
#
loop_
_entity.id
_entity.type
_entity.pdbx_description
1 polymer 'Cytochrome P450CAM'
2 non-polymer 'CACODYLATE ION'
3 non-polymer 'PROTOPORPHYRIN IX CONTAINING FE'
4 non-polymer "DELTA-BIS(2,2'-BIPYRIDINE)-(5-METHYL-2-2'-BIPYRIDINE)-C2-ADAMANTANE RUTHENIUM (II)"
5 non-polymer "LAMBDA-BIS(2,2'-BIPYRIDINE)-(5-METHYL-2-2'-BIPYRIDINE)-C2-ADAMANTANE RUTHENIUM (II)"
6 water water
#
_entity_poly.entity_id   1
_entity_poly.type   'polypeptide(L)'
_entity_poly.pdbx_seq_one_letter_code
;TTETIQSNANLAPLPPHVPEHLVFDFDMYNPSNLSAGVQEAWAVLQESNVPDLVWTRCNGGHWIATRGQLIREAYEDYRH
FSSECPFIPREAGEAYDFIPTSMDPPEQRQFRALANQVVGMPVVDKLENRIQELACSLIESLRPQGQCNFTEDYAEPFPI
RIFMLLAGLPEEDIPHLKYLTDQMTRPDGSMTFAEAKEALYDYLIPIIEQRRQKPGTDAISIVANGQVNGRPITSDEAKR
MCGLLLVGGLDTVVNFLSFSMEFLAKSPEHRQELIERPERIPAACEELLRRFSLVADGRILTSDYEFHGVQLKKGDQILL
PQMLSGLDERENAAPMHVDFSRQKVSHTTFGHGSHLCLGQHLARREIIVTLKEWLTRIPDFSIAPGAQIQHKSGIVSGVQ
ALPLVWDPATTKAV
;
_entity_poly.pdbx_strand_id   A,B
#
# COMPACT_ATOMS: atom_id res chain seq x y z
N ALA A 9 -24.91 -13.80 -7.80
CA ALA A 9 -24.22 -14.84 -6.99
C ALA A 9 -22.74 -14.92 -7.37
N ASN A 10 -22.23 -13.83 -7.97
CA ASN A 10 -20.85 -13.75 -8.45
C ASN A 10 -20.71 -14.55 -9.76
N LEU A 11 -21.83 -15.11 -10.22
CA LEU A 11 -21.85 -15.91 -11.44
C LEU A 11 -22.25 -15.13 -12.69
N ALA A 12 -21.44 -15.26 -13.73
CA ALA A 12 -21.71 -14.60 -15.00
C ALA A 12 -22.55 -15.56 -15.85
N PRO A 13 -23.66 -15.08 -16.42
CA PRO A 13 -24.53 -15.91 -17.26
C PRO A 13 -23.76 -16.63 -18.38
N LEU A 14 -23.94 -17.95 -18.44
CA LEU A 14 -23.25 -18.78 -19.44
C LEU A 14 -23.54 -18.39 -20.86
N PRO A 15 -22.49 -18.03 -21.64
CA PRO A 15 -22.64 -17.64 -23.05
C PRO A 15 -23.19 -18.82 -23.85
N PRO A 16 -24.02 -18.53 -24.87
CA PRO A 16 -24.64 -19.55 -25.73
C PRO A 16 -23.68 -20.55 -26.38
N HIS A 17 -22.49 -20.10 -26.75
CA HIS A 17 -21.52 -20.96 -27.40
C HIS A 17 -20.80 -21.95 -26.47
N VAL A 18 -20.97 -21.79 -25.17
CA VAL A 18 -20.31 -22.67 -24.21
C VAL A 18 -21.24 -23.79 -23.74
N PRO A 19 -20.87 -25.06 -24.06
CA PRO A 19 -21.68 -26.21 -23.66
C PRO A 19 -21.67 -26.40 -22.16
N GLU A 20 -22.83 -26.71 -21.58
CA GLU A 20 -22.96 -26.88 -20.15
C GLU A 20 -22.09 -27.97 -19.52
N HIS A 21 -21.71 -28.99 -20.30
CA HIS A 21 -20.89 -30.06 -19.75
C HIS A 21 -19.43 -29.64 -19.51
N LEU A 22 -19.03 -28.49 -20.06
CA LEU A 22 -17.67 -27.99 -19.87
C LEU A 22 -17.57 -26.95 -18.75
N VAL A 23 -18.68 -26.73 -18.04
CA VAL A 23 -18.70 -25.76 -16.97
C VAL A 23 -18.05 -26.29 -15.68
N PHE A 24 -17.14 -25.48 -15.13
CA PHE A 24 -16.43 -25.79 -13.89
C PHE A 24 -16.11 -24.44 -13.25
N ASP A 25 -16.92 -24.05 -12.25
CA ASP A 25 -16.77 -22.76 -11.56
C ASP A 25 -15.58 -22.70 -10.66
N PHE A 26 -14.51 -22.12 -11.14
CA PHE A 26 -13.26 -22.02 -10.39
C PHE A 26 -12.92 -20.56 -10.28
N ASP A 27 -12.64 -20.11 -9.06
CA ASP A 27 -12.31 -18.71 -8.81
C ASP A 27 -10.81 -18.64 -8.57
N MET A 28 -10.07 -18.12 -9.56
CA MET A 28 -8.62 -18.02 -9.42
C MET A 28 -8.14 -17.07 -8.34
N TYR A 29 -9.03 -16.20 -7.85
CA TYR A 29 -8.65 -15.25 -6.81
C TYR A 29 -9.02 -15.71 -5.40
N ASN A 30 -9.81 -16.77 -5.31
N ASN A 30 -9.80 -16.78 -5.32
CA ASN A 30 -10.24 -17.34 -4.03
CA ASN A 30 -10.23 -17.35 -4.04
C ASN A 30 -10.73 -18.78 -4.26
C ASN A 30 -10.73 -18.79 -4.27
N PRO A 31 -9.82 -19.69 -4.68
CA PRO A 31 -10.20 -21.09 -4.91
C PRO A 31 -10.62 -21.84 -3.66
N SER A 32 -11.57 -22.76 -3.83
CA SER A 32 -12.04 -23.56 -2.70
C SER A 32 -10.85 -24.35 -2.16
N ASN A 33 -10.85 -24.63 -0.86
N ASN A 33 -10.84 -24.61 -0.87
CA ASN A 33 -9.78 -25.38 -0.21
CA ASN A 33 -9.76 -25.39 -0.24
C ASN A 33 -8.37 -24.80 -0.43
C ASN A 33 -8.37 -24.79 -0.46
N LEU A 34 -8.29 -23.47 -0.33
CA LEU A 34 -7.03 -22.74 -0.48
C LEU A 34 -6.21 -23.07 0.78
N SER A 35 -6.91 -23.48 1.84
CA SER A 35 -6.30 -23.84 3.11
C SER A 35 -5.40 -25.08 2.98
N ALA A 36 -5.58 -25.86 1.93
CA ALA A 36 -4.76 -27.05 1.72
C ALA A 36 -3.45 -26.69 1.02
N GLY A 37 -3.34 -25.43 0.59
CA GLY A 37 -2.16 -24.97 -0.12
C GLY A 37 -2.65 -24.49 -1.48
N VAL A 38 -2.08 -23.40 -1.99
CA VAL A 38 -2.54 -22.87 -3.27
C VAL A 38 -2.32 -23.78 -4.48
N GLN A 39 -1.17 -24.43 -4.57
CA GLN A 39 -0.93 -25.34 -5.69
C GLN A 39 -1.95 -26.49 -5.63
N GLU A 40 -2.20 -26.99 -4.41
CA GLU A 40 -3.18 -28.06 -4.19
C GLU A 40 -4.59 -27.58 -4.58
N ALA A 41 -4.89 -26.33 -4.28
CA ALA A 41 -6.20 -25.75 -4.60
C ALA A 41 -6.41 -25.69 -6.12
N TRP A 42 -5.36 -25.32 -6.85
CA TRP A 42 -5.45 -25.27 -8.30
C TRP A 42 -5.48 -26.66 -8.91
N ALA A 43 -4.84 -27.61 -8.23
CA ALA A 43 -4.79 -29.00 -8.71
C ALA A 43 -6.16 -29.67 -8.81
N VAL A 44 -7.20 -29.06 -8.23
N VAL A 44 -7.19 -29.05 -8.23
CA VAL A 44 -8.55 -29.63 -8.31
CA VAL A 44 -8.55 -29.59 -8.29
C VAL A 44 -9.00 -29.64 -9.77
C VAL A 44 -9.00 -29.64 -9.76
N LEU A 45 -8.40 -28.76 -10.57
CA LEU A 45 -8.69 -28.67 -11.99
C LEU A 45 -8.14 -29.87 -12.77
N GLN A 46 -7.33 -30.69 -12.10
CA GLN A 46 -6.71 -31.85 -12.71
C GLN A 46 -7.21 -33.19 -12.17
N GLU A 47 -8.33 -33.16 -11.45
CA GLU A 47 -8.90 -34.40 -10.95
C GLU A 47 -9.51 -35.13 -12.16
N SER A 48 -9.50 -36.46 -12.12
CA SER A 48 -9.97 -37.32 -13.21
C SER A 48 -11.23 -36.96 -14.01
N ASN A 49 -12.25 -36.45 -13.34
CA ASN A 49 -13.52 -36.10 -13.99
C ASN A 49 -13.54 -34.74 -14.70
N VAL A 50 -12.49 -33.96 -14.56
CA VAL A 50 -12.42 -32.63 -15.16
C VAL A 50 -11.81 -32.61 -16.55
N PRO A 51 -12.51 -31.99 -17.53
CA PRO A 51 -12.05 -31.90 -18.93
C PRO A 51 -10.74 -31.11 -19.07
N ASP A 52 -10.06 -31.29 -20.21
CA ASP A 52 -8.80 -30.60 -20.48
C ASP A 52 -9.00 -29.09 -20.60
N LEU A 53 -10.19 -28.69 -21.05
CA LEU A 53 -10.51 -27.29 -21.24
C LEU A 53 -11.91 -27.04 -20.68
N VAL A 54 -12.01 -26.16 -19.69
CA VAL A 54 -13.29 -25.84 -19.06
C VAL A 54 -13.62 -24.35 -19.08
N TRP A 55 -14.87 -24.03 -18.74
CA TRP A 55 -15.32 -22.64 -18.67
C TRP A 55 -15.80 -22.35 -17.26
N THR A 56 -15.28 -21.30 -16.66
CA THR A 56 -15.72 -20.90 -15.33
C THR A 56 -16.60 -19.65 -15.46
N ARG A 57 -17.67 -19.60 -14.67
CA ARG A 57 -18.57 -18.45 -14.70
C ARG A 57 -18.13 -17.37 -13.71
N CYS A 58 -17.05 -17.66 -12.98
CA CYS A 58 -16.51 -16.70 -12.00
C CYS A 58 -15.70 -15.63 -12.75
N ASN A 59 -15.50 -14.50 -12.09
CA ASN A 59 -14.70 -13.42 -12.62
C ASN A 59 -15.06 -12.96 -14.03
N GLY A 60 -16.36 -12.88 -14.33
CA GLY A 60 -16.81 -12.44 -15.63
C GLY A 60 -16.98 -13.52 -16.68
N GLY A 61 -16.44 -14.71 -16.41
CA GLY A 61 -16.53 -15.82 -17.34
C GLY A 61 -15.34 -15.93 -18.25
N HIS A 62 -14.68 -17.09 -18.23
CA HIS A 62 -13.51 -17.32 -19.08
C HIS A 62 -13.14 -18.80 -19.14
N TRP A 63 -12.35 -19.16 -20.16
CA TRP A 63 -11.90 -20.53 -20.31
C TRP A 63 -10.69 -20.75 -19.42
N ILE A 64 -10.40 -22.03 -19.16
CA ILE A 64 -9.23 -22.43 -18.37
C ILE A 64 -8.69 -23.74 -18.94
N ALA A 65 -7.47 -23.72 -19.46
CA ALA A 65 -6.83 -24.95 -19.97
C ALA A 65 -6.22 -25.57 -18.71
N THR A 66 -6.49 -26.85 -18.49
CA THR A 66 -6.03 -27.52 -17.27
C THR A 66 -4.87 -28.51 -17.40
N ARG A 67 -4.41 -28.74 -18.61
CA ARG A 67 -3.34 -29.70 -18.84
C ARG A 67 -2.16 -29.07 -19.56
N GLY A 68 -0.96 -29.53 -19.23
CA GLY A 68 0.26 -29.01 -19.83
C GLY A 68 0.29 -28.98 -21.34
N GLN A 69 -0.23 -30.02 -21.98
CA GLN A 69 -0.24 -30.07 -23.44
C GLN A 69 -0.97 -28.88 -24.06
N LEU A 70 -2.16 -28.56 -23.54
CA LEU A 70 -2.95 -27.44 -24.05
C LEU A 70 -2.32 -26.09 -23.72
N ILE A 71 -1.78 -25.98 -22.51
CA ILE A 71 -1.15 -24.74 -22.06
C ILE A 71 0.06 -24.39 -22.93
N ARG A 72 0.89 -25.38 -23.24
CA ARG A 72 2.07 -25.16 -24.08
C ARG A 72 1.65 -24.81 -25.51
N GLU A 73 0.67 -25.53 -26.04
CA GLU A 73 0.19 -25.28 -27.39
C GLU A 73 -0.37 -23.87 -27.55
N ALA A 74 -1.20 -23.43 -26.61
CA ALA A 74 -1.80 -22.10 -26.68
C ALA A 74 -0.75 -21.00 -26.60
N TYR A 75 0.25 -21.17 -25.73
CA TYR A 75 1.30 -20.16 -25.60
C TYR A 75 2.20 -20.06 -26.83
N GLU A 76 2.32 -21.15 -27.58
CA GLU A 76 3.14 -21.15 -28.80
C GLU A 76 2.38 -20.51 -29.95
N ASP A 77 1.06 -20.67 -29.94
CA ASP A 77 0.19 -20.16 -30.99
C ASP A 77 -0.30 -18.74 -30.72
N TYR A 78 0.60 -17.76 -30.85
CA TYR A 78 0.26 -16.36 -30.61
C TYR A 78 -0.73 -15.79 -31.62
N ARG A 79 -0.79 -16.38 -32.81
CA ARG A 79 -1.70 -15.91 -33.86
C ARG A 79 -3.15 -16.08 -33.44
N HIS A 80 -3.43 -17.12 -32.67
CA HIS A 80 -4.78 -17.37 -32.20
C HIS A 80 -4.99 -16.89 -30.77
N PHE A 81 -3.91 -16.85 -29.98
CA PHE A 81 -3.99 -16.46 -28.58
C PHE A 81 -3.10 -15.24 -28.30
N SER A 82 -3.73 -14.07 -28.37
CA SER A 82 -3.07 -12.78 -28.17
C SER A 82 -2.79 -12.38 -26.74
N SER A 83 -1.67 -11.67 -26.55
CA SER A 83 -1.24 -11.20 -25.24
C SER A 83 -1.56 -9.72 -25.04
N GLU A 84 -2.51 -9.19 -25.82
CA GLU A 84 -2.91 -7.79 -25.73
C GLU A 84 -3.16 -7.33 -24.28
N CYS A 85 -3.72 -8.22 -23.45
CA CYS A 85 -3.93 -7.96 -22.02
C CYS A 85 -4.11 -9.32 -21.38
N PRO A 86 -3.02 -9.88 -20.85
CA PRO A 86 -3.02 -11.20 -20.19
C PRO A 86 -3.75 -11.29 -18.87
N PHE A 87 -4.26 -10.16 -18.38
CA PHE A 87 -5.00 -10.12 -17.13
C PHE A 87 -6.44 -10.55 -17.36
N ILE A 88 -6.92 -11.46 -16.52
CA ILE A 88 -8.28 -11.97 -16.60
C ILE A 88 -8.92 -11.88 -15.21
N PRO A 89 -9.99 -11.09 -15.06
CA PRO A 89 -10.59 -10.30 -16.14
C PRO A 89 -9.73 -9.08 -16.44
N ARG A 90 -10.02 -8.42 -17.55
CA ARG A 90 -9.27 -7.26 -17.97
C ARG A 90 -9.04 -6.21 -16.88
N GLU A 91 -10.05 -6.02 -16.02
CA GLU A 91 -9.97 -5.04 -14.94
C GLU A 91 -8.96 -5.41 -13.84
N ALA A 92 -8.49 -6.65 -13.86
CA ALA A 92 -7.52 -7.12 -12.87
C ALA A 92 -6.17 -6.42 -13.03
N GLY A 93 -5.94 -5.85 -14.22
CA GLY A 93 -4.70 -5.15 -14.48
C GLY A 93 -4.83 -3.66 -14.66
N GLU A 94 -6.02 -3.13 -14.43
CA GLU A 94 -6.30 -1.69 -14.54
C GLU A 94 -5.55 -0.92 -15.63
N ALA A 95 -4.71 0.04 -15.22
CA ALA A 95 -3.97 0.85 -16.17
C ALA A 95 -2.58 0.32 -16.53
N TYR A 96 -2.41 -1.00 -16.45
CA TYR A 96 -1.13 -1.64 -16.78
C TYR A 96 -0.74 -1.28 -18.21
N ASP A 97 0.52 -0.87 -18.39
CA ASP A 97 1.00 -0.51 -19.72
C ASP A 97 2.46 -0.88 -19.98
N PHE A 98 3.01 -1.83 -19.21
CA PHE A 98 4.40 -2.24 -19.38
C PHE A 98 4.68 -2.91 -20.73
N ILE A 99 5.92 -2.75 -21.17
CA ILE A 99 6.40 -3.32 -22.43
C ILE A 99 7.38 -4.43 -22.04
N PRO A 100 7.39 -5.56 -22.80
CA PRO A 100 6.59 -5.89 -23.98
C PRO A 100 5.40 -6.82 -23.77
N THR A 101 4.84 -6.83 -22.55
CA THR A 101 3.69 -7.66 -22.19
C THR A 101 2.55 -7.76 -23.21
N SER A 102 2.09 -6.60 -23.70
CA SER A 102 0.96 -6.54 -24.64
C SER A 102 1.29 -6.66 -26.11
N MET A 103 2.57 -6.89 -26.41
CA MET A 103 3.01 -7.02 -27.78
C MET A 103 3.19 -8.49 -28.12
N ASP A 104 3.08 -8.80 -29.41
CA ASP A 104 3.27 -10.15 -29.92
C ASP A 104 4.15 -10.03 -31.15
N PRO A 105 4.75 -11.14 -31.61
CA PRO A 105 5.60 -11.09 -32.80
C PRO A 105 4.82 -10.45 -33.96
N PRO A 106 5.51 -9.64 -34.79
CA PRO A 106 6.93 -9.28 -34.71
C PRO A 106 7.30 -8.12 -33.77
N GLU A 107 6.40 -7.17 -33.58
CA GLU A 107 6.62 -5.98 -32.74
C GLU A 107 7.39 -6.27 -31.45
N GLN A 108 7.08 -7.40 -30.85
CA GLN A 108 7.67 -7.86 -29.60
C GLN A 108 9.18 -8.17 -29.66
N ARG A 109 9.62 -8.74 -30.78
CA ARG A 109 11.01 -9.14 -30.98
C ARG A 109 12.09 -8.17 -30.56
N GLN A 110 12.01 -6.94 -31.06
CA GLN A 110 13.02 -5.93 -30.75
C GLN A 110 13.16 -5.60 -29.27
N PHE A 111 12.02 -5.47 -28.58
CA PHE A 111 12.02 -5.15 -27.17
C PHE A 111 12.60 -6.29 -26.32
N ARG A 112 12.23 -7.53 -26.64
CA ARG A 112 12.75 -8.69 -25.93
C ARG A 112 14.26 -8.76 -26.05
N ALA A 113 14.77 -8.56 -27.26
CA ALA A 113 16.20 -8.61 -27.52
C ALA A 113 16.97 -7.55 -26.70
N LEU A 114 16.40 -6.35 -26.60
CA LEU A 114 17.03 -5.27 -25.84
C LEU A 114 16.99 -5.62 -24.35
N ALA A 115 15.86 -6.15 -23.90
CA ALA A 115 15.72 -6.54 -22.50
C ALA A 115 16.69 -7.69 -22.19
N ASN A 116 16.83 -8.63 -23.12
CA ASN A 116 17.74 -9.76 -22.90
C ASN A 116 19.18 -9.26 -22.78
N GLN A 117 19.48 -8.12 -23.43
CA GLN A 117 20.82 -7.54 -23.35
C GLN A 117 21.16 -7.13 -21.92
N VAL A 118 20.16 -6.65 -21.18
CA VAL A 118 20.37 -6.18 -19.82
C VAL A 118 20.21 -7.17 -18.68
N VAL A 119 19.44 -8.24 -18.89
CA VAL A 119 19.22 -9.25 -17.85
C VAL A 119 19.58 -10.66 -18.31
N GLY A 120 20.15 -10.77 -19.50
CA GLY A 120 20.53 -12.08 -20.03
C GLY A 120 21.62 -12.77 -19.23
N MET A 121 21.93 -14.01 -19.62
CA MET A 121 22.93 -14.83 -18.94
C MET A 121 24.29 -14.17 -18.67
N PRO A 122 24.88 -13.50 -19.69
CA PRO A 122 26.18 -12.86 -19.48
C PRO A 122 26.16 -11.85 -18.33
N VAL A 123 25.08 -11.08 -18.23
CA VAL A 123 24.91 -10.09 -17.17
C VAL A 123 24.79 -10.78 -15.81
N VAL A 124 23.99 -11.84 -15.77
CA VAL A 124 23.78 -12.59 -14.53
C VAL A 124 25.11 -13.15 -14.00
N ASP A 125 25.92 -13.73 -14.89
CA ASP A 125 27.21 -14.29 -14.49
C ASP A 125 28.12 -13.23 -13.90
N LYS A 126 28.10 -12.03 -14.50
CA LYS A 126 28.91 -10.92 -14.04
C LYS A 126 28.45 -10.39 -12.68
N LEU A 127 27.15 -10.53 -12.41
CA LEU A 127 26.59 -10.05 -11.14
C LEU A 127 26.53 -11.08 -10.02
N GLU A 128 26.82 -12.35 -10.32
CA GLU A 128 26.75 -13.40 -9.30
C GLU A 128 27.46 -13.14 -7.98
N ASN A 129 28.74 -12.76 -8.03
CA ASN A 129 29.49 -12.49 -6.80
C ASN A 129 28.81 -11.44 -5.94
N ARG A 130 28.29 -10.40 -6.56
CA ARG A 130 27.60 -9.33 -5.82
C ARG A 130 26.28 -9.83 -5.25
N ILE A 131 25.57 -10.66 -6.03
CA ILE A 131 24.29 -11.21 -5.58
C ILE A 131 24.55 -12.09 -4.36
N GLN A 132 25.64 -12.84 -4.42
CA GLN A 132 26.04 -13.73 -3.33
C GLN A 132 26.35 -12.89 -2.08
N GLU A 133 27.01 -11.75 -2.28
CA GLU A 133 27.35 -10.86 -1.17
C GLU A 133 26.09 -10.32 -0.50
N LEU A 134 25.11 -9.93 -1.30
CA LEU A 134 23.84 -9.40 -0.78
C LEU A 134 23.10 -10.46 0.03
N ALA A 135 23.09 -11.69 -0.48
CA ALA A 135 22.43 -12.80 0.19
C ALA A 135 23.08 -13.06 1.54
N CYS A 136 24.41 -13.21 1.53
CA CYS A 136 25.16 -13.47 2.76
C CYS A 136 24.97 -12.35 3.77
N SER A 137 24.90 -11.12 3.30
CA SER A 137 24.71 -9.97 4.17
C SER A 137 23.37 -10.03 4.90
N LEU A 138 22.30 -10.36 4.16
CA LEU A 138 20.97 -10.46 4.74
C LEU A 138 20.83 -11.64 5.71
N ILE A 139 21.32 -12.81 5.30
CA ILE A 139 21.23 -14.01 6.12
C ILE A 139 22.03 -13.88 7.41
N GLU A 140 23.24 -13.34 7.29
CA GLU A 140 24.12 -13.15 8.44
C GLU A 140 23.53 -12.18 9.46
N SER A 141 22.77 -11.19 9.00
CA SER A 141 22.16 -10.24 9.92
C SER A 141 21.04 -10.91 10.70
N LEU A 142 20.41 -11.91 10.09
CA LEU A 142 19.31 -12.65 10.73
C LEU A 142 19.78 -13.80 11.62
N ARG A 143 20.83 -14.48 11.19
CA ARG A 143 21.39 -15.65 11.90
C ARG A 143 21.42 -15.61 13.43
N PRO A 144 22.01 -14.57 14.05
CA PRO A 144 22.07 -14.51 15.50
C PRO A 144 20.72 -14.29 16.21
N GLN A 145 19.71 -13.87 15.46
CA GLN A 145 18.39 -13.59 16.02
C GLN A 145 17.53 -14.81 16.35
N GLY A 146 17.79 -15.93 15.67
CA GLY A 146 17.04 -17.15 15.93
C GLY A 146 15.61 -17.17 15.42
N GLN A 147 15.25 -16.15 14.64
CA GLN A 147 13.89 -16.06 14.10
C GLN A 147 13.83 -14.96 13.06
N CYS A 148 12.77 -15.00 12.27
CA CYS A 148 12.54 -13.99 11.25
C CYS A 148 11.22 -14.24 10.57
N ASN A 149 10.70 -13.15 10.00
CA ASN A 149 9.51 -13.20 9.17
C ASN A 149 10.09 -13.26 7.77
N PHE A 150 10.36 -14.48 7.29
CA PHE A 150 11.03 -14.68 6.01
C PHE A 150 10.64 -13.79 4.83
N THR A 151 9.34 -13.65 4.59
N THR A 151 9.34 -13.65 4.59
CA THR A 151 8.89 -12.85 3.46
CA THR A 151 8.88 -12.84 3.47
C THR A 151 9.34 -11.38 3.57
C THR A 151 9.34 -11.38 3.57
N GLU A 152 9.18 -10.80 4.75
CA GLU A 152 9.58 -9.41 4.98
C GLU A 152 11.07 -9.19 5.23
N ASP A 153 11.73 -10.16 5.86
CA ASP A 153 13.15 -10.03 6.23
C ASP A 153 14.20 -10.47 5.23
N TYR A 154 13.83 -11.31 4.27
CA TYR A 154 14.77 -11.77 3.26
C TYR A 154 14.17 -11.73 1.86
N ALA A 155 13.04 -12.40 1.68
CA ALA A 155 12.39 -12.50 0.37
C ALA A 155 12.13 -11.17 -0.33
N GLU A 156 11.70 -10.16 0.43
CA GLU A 156 11.44 -8.85 -0.15
C GLU A 156 12.66 -7.97 -0.38
N PRO A 157 13.58 -7.88 0.61
CA PRO A 157 14.78 -7.04 0.44
C PRO A 157 15.74 -7.52 -0.65
N PHE A 158 15.84 -8.83 -0.82
CA PHE A 158 16.76 -9.43 -1.78
C PHE A 158 16.59 -8.96 -3.24
N PRO A 159 15.41 -9.16 -3.85
CA PRO A 159 15.17 -8.75 -5.24
C PRO A 159 15.26 -7.25 -5.52
N ILE A 160 14.76 -6.41 -4.61
CA ILE A 160 14.81 -4.96 -4.81
C ILE A 160 16.26 -4.45 -4.74
N ARG A 161 17.07 -5.02 -3.85
CA ARG A 161 18.46 -4.60 -3.75
C ARG A 161 19.22 -5.08 -4.99
N ILE A 162 18.78 -6.20 -5.56
CA ILE A 162 19.39 -6.73 -6.76
C ILE A 162 19.08 -5.82 -7.94
N PHE A 163 17.88 -5.24 -7.96
CA PHE A 163 17.52 -4.33 -9.05
C PHE A 163 18.37 -3.07 -9.02
N MET A 164 18.59 -2.51 -7.82
CA MET A 164 19.40 -1.30 -7.69
C MET A 164 20.79 -1.54 -8.25
N LEU A 165 21.31 -2.74 -8.01
CA LEU A 165 22.62 -3.15 -8.50
C LEU A 165 22.60 -3.24 -10.03
N LEU A 166 21.58 -3.91 -10.55
CA LEU A 166 21.41 -4.10 -11.98
C LEU A 166 21.18 -2.79 -12.72
N ALA A 167 20.35 -1.93 -12.14
CA ALA A 167 20.00 -0.65 -12.75
C ALA A 167 20.93 0.51 -12.41
N GLY A 168 21.95 0.24 -11.59
CA GLY A 168 22.89 1.29 -11.20
C GLY A 168 22.25 2.42 -10.43
N LEU A 169 21.37 2.07 -9.49
CA LEU A 169 20.68 3.05 -8.66
C LEU A 169 21.20 2.96 -7.23
N PRO A 170 21.20 4.09 -6.50
CA PRO A 170 21.67 4.14 -5.12
C PRO A 170 20.75 3.45 -4.12
N GLU A 171 21.36 2.78 -3.14
CA GLU A 171 20.66 2.04 -2.08
C GLU A 171 19.64 2.91 -1.33
N GLU A 172 19.97 4.19 -1.19
CA GLU A 172 19.13 5.16 -0.49
C GLU A 172 17.75 5.36 -1.10
N ASP A 173 17.59 4.95 -2.37
CA ASP A 173 16.31 5.10 -3.06
C ASP A 173 15.32 3.96 -2.84
N ILE A 174 15.76 2.91 -2.15
CA ILE A 174 14.90 1.76 -1.90
C ILE A 174 13.59 2.06 -1.14
N PRO A 175 13.65 2.78 -0.01
CA PRO A 175 12.41 3.08 0.72
C PRO A 175 11.31 3.66 -0.19
N HIS A 176 11.68 4.61 -1.03
CA HIS A 176 10.73 5.25 -1.94
C HIS A 176 10.30 4.31 -3.07
N LEU A 177 11.28 3.71 -3.74
CA LEU A 177 11.00 2.80 -4.86
C LEU A 177 10.19 1.59 -4.44
N LYS A 178 10.56 0.98 -3.31
CA LYS A 178 9.86 -0.19 -2.80
C LYS A 178 8.44 0.17 -2.35
N TYR A 179 8.28 1.39 -1.82
CA TYR A 179 6.96 1.83 -1.38
C TYR A 179 6.04 1.91 -2.61
N LEU A 180 6.56 2.46 -3.70
CA LEU A 180 5.79 2.61 -4.93
C LEU A 180 5.42 1.27 -5.56
N THR A 181 6.37 0.33 -5.63
CA THR A 181 6.08 -0.96 -6.23
C THR A 181 5.09 -1.72 -5.35
N ASP A 182 5.18 -1.55 -4.03
CA ASP A 182 4.24 -2.20 -3.11
C ASP A 182 2.85 -1.57 -3.28
N GLN A 183 2.81 -0.27 -3.56
CA GLN A 183 1.55 0.41 -3.77
C GLN A 183 0.86 -0.12 -5.03
N MET A 184 1.67 -0.55 -6.00
CA MET A 184 1.16 -1.08 -7.25
C MET A 184 0.64 -2.52 -7.17
N THR A 185 1.46 -3.42 -6.61
CA THR A 185 1.09 -4.83 -6.54
C THR A 185 0.55 -5.37 -5.21
N ARG A 186 0.68 -4.59 -4.16
CA ARG A 186 0.19 -4.96 -2.83
C ARG A 186 -0.40 -3.70 -2.21
N PRO A 187 -1.41 -3.10 -2.87
CA PRO A 187 -2.10 -1.88 -2.43
C PRO A 187 -2.68 -1.89 -1.03
N ASP A 188 -2.48 -0.78 -0.31
CA ASP A 188 -3.02 -0.63 1.04
C ASP A 188 -4.06 0.47 1.07
N GLY A 189 -4.41 0.98 -0.11
CA GLY A 189 -5.42 2.04 -0.22
C GLY A 189 -4.92 3.47 -0.34
N SER A 190 -3.62 3.70 -0.09
CA SER A 190 -3.05 5.05 -0.16
C SER A 190 -3.12 5.71 -1.53
N MET A 191 -2.69 4.99 -2.55
CA MET A 191 -2.68 5.48 -3.93
C MET A 191 -3.38 4.46 -4.82
N THR A 192 -3.89 4.91 -5.96
CA THR A 192 -4.51 4.00 -6.92
C THR A 192 -3.34 3.44 -7.72
N PHE A 193 -3.58 2.40 -8.52
CA PHE A 193 -2.53 1.80 -9.33
C PHE A 193 -1.96 2.82 -10.30
N ALA A 194 -2.85 3.59 -10.94
CA ALA A 194 -2.46 4.61 -11.89
C ALA A 194 -1.57 5.68 -11.26
N GLU A 195 -1.93 6.09 -10.05
CA GLU A 195 -1.16 7.09 -9.31
C GLU A 195 0.23 6.57 -8.93
N ALA A 196 0.28 5.33 -8.45
CA ALA A 196 1.55 4.72 -8.06
C ALA A 196 2.44 4.55 -9.30
N LYS A 197 1.81 4.17 -10.42
CA LYS A 197 2.52 3.98 -11.68
C LYS A 197 3.11 5.30 -12.17
N GLU A 198 2.31 6.35 -12.13
CA GLU A 198 2.76 7.68 -12.55
C GLU A 198 3.96 8.13 -11.71
N ALA A 199 3.90 7.87 -10.40
CA ALA A 199 4.99 8.22 -9.48
C ALA A 199 6.26 7.43 -9.83
N LEU A 200 6.08 6.17 -10.23
CA LEU A 200 7.21 5.33 -10.63
C LEU A 200 7.85 5.92 -11.88
N TYR A 201 7.01 6.32 -12.84
CA TYR A 201 7.49 6.92 -14.08
C TYR A 201 8.15 8.29 -13.83
N ASP A 202 7.67 9.01 -12.83
CA ASP A 202 8.25 10.31 -12.48
C ASP A 202 9.67 10.12 -11.97
N TYR A 203 9.91 8.96 -11.35
CA TYR A 203 11.23 8.61 -10.82
C TYR A 203 12.17 8.18 -11.95
N LEU A 204 11.65 7.34 -12.85
CA LEU A 204 12.45 6.82 -13.96
C LEU A 204 12.84 7.78 -15.08
N ILE A 205 11.87 8.55 -15.55
CA ILE A 205 12.09 9.50 -16.65
C ILE A 205 13.37 10.33 -16.58
N PRO A 206 13.60 11.06 -15.46
CA PRO A 206 14.82 11.89 -15.35
C PRO A 206 16.12 11.08 -15.47
N ILE A 207 16.13 9.89 -14.87
CA ILE A 207 17.28 9.01 -14.90
C ILE A 207 17.53 8.48 -16.31
N ILE A 208 16.43 8.23 -17.03
CA ILE A 208 16.50 7.74 -18.40
C ILE A 208 17.04 8.81 -19.36
N GLU A 209 16.55 10.04 -19.23
CA GLU A 209 16.98 11.14 -20.09
C GLU A 209 18.46 11.44 -19.85
N GLN A 210 18.86 11.36 -18.58
CA GLN A 210 20.22 11.62 -18.15
C GLN A 210 21.20 10.60 -18.74
N ARG A 211 20.88 9.32 -18.58
CA ARG A 211 21.75 8.25 -19.10
C ARG A 211 21.65 8.09 -20.61
N ARG A 212 20.73 8.81 -21.22
CA ARG A 212 20.56 8.79 -22.68
C ARG A 212 21.64 9.71 -23.26
N GLN A 213 22.05 10.69 -22.45
CA GLN A 213 23.08 11.65 -22.84
C GLN A 213 24.47 11.19 -22.42
N LYS A 214 24.58 10.76 -21.17
CA LYS A 214 25.85 10.28 -20.61
C LYS A 214 25.62 8.86 -20.09
N PRO A 215 25.61 7.87 -20.99
CA PRO A 215 25.40 6.46 -20.66
C PRO A 215 26.48 5.73 -19.86
N GLY A 216 26.03 4.72 -19.12
CA GLY A 216 26.91 3.89 -18.33
C GLY A 216 26.77 2.46 -18.84
N THR A 217 27.07 1.47 -17.99
CA THR A 217 26.97 0.07 -18.38
C THR A 217 25.80 -0.62 -17.68
N ASP A 218 25.04 0.16 -16.91
CA ASP A 218 23.88 -0.33 -16.16
C ASP A 218 22.70 -0.62 -17.09
N ALA A 219 21.71 -1.35 -16.58
CA ALA A 219 20.53 -1.72 -17.36
C ALA A 219 19.75 -0.54 -17.95
N ILE A 220 19.58 0.53 -17.17
CA ILE A 220 18.84 1.70 -17.66
C ILE A 220 19.54 2.39 -18.83
N SER A 221 20.86 2.53 -18.73
CA SER A 221 21.64 3.15 -19.79
C SER A 221 21.50 2.38 -21.11
N ILE A 222 21.61 1.06 -21.04
CA ILE A 222 21.50 0.21 -22.23
C ILE A 222 20.10 0.33 -22.85
N VAL A 223 19.07 0.29 -22.01
CA VAL A 223 17.71 0.39 -22.48
C VAL A 223 17.47 1.77 -23.10
N ALA A 224 17.91 2.81 -22.40
CA ALA A 224 17.75 4.20 -22.85
C ALA A 224 18.41 4.49 -24.20
N ASN A 225 19.49 3.77 -24.49
CA ASN A 225 20.21 3.97 -25.74
C ASN A 225 19.95 2.89 -26.78
N GLY A 226 18.83 2.19 -26.62
CA GLY A 226 18.48 1.13 -27.55
C GLY A 226 17.88 1.61 -28.85
N GLN A 227 17.86 0.73 -29.83
CA GLN A 227 17.31 1.02 -31.16
C GLN A 227 16.01 0.24 -31.41
N VAL A 228 14.99 0.96 -31.86
CA VAL A 228 13.69 0.36 -32.16
C VAL A 228 13.17 0.83 -33.51
N ASN A 229 12.97 -0.13 -34.42
CA ASN A 229 12.50 0.15 -35.78
C ASN A 229 13.43 1.13 -36.50
N GLY A 230 14.73 0.98 -36.27
CA GLY A 230 15.70 1.84 -36.91
C GLY A 230 15.77 3.26 -36.38
N ARG A 231 15.25 3.49 -35.18
CA ARG A 231 15.28 4.81 -34.57
C ARG A 231 15.40 4.69 -33.06
N PRO A 232 15.90 5.73 -32.38
CA PRO A 232 16.06 5.74 -30.91
C PRO A 232 14.77 5.43 -30.17
N ILE A 233 14.89 4.63 -29.12
CA ILE A 233 13.75 4.26 -28.29
C ILE A 233 13.26 5.53 -27.59
N THR A 234 11.95 5.73 -27.54
CA THR A 234 11.39 6.91 -26.91
C THR A 234 11.40 6.85 -25.39
N SER A 235 11.23 8.01 -24.76
CA SER A 235 11.20 8.10 -23.31
C SER A 235 10.03 7.27 -22.79
N ASP A 236 8.93 7.27 -23.53
CA ASP A 236 7.75 6.50 -23.17
C ASP A 236 8.02 5.00 -23.21
N GLU A 237 8.61 4.52 -24.31
CA GLU A 237 8.94 3.10 -24.47
C GLU A 237 9.94 2.62 -23.43
N ALA A 238 11.00 3.41 -23.24
CA ALA A 238 12.04 3.06 -22.27
C ALA A 238 11.55 2.93 -20.83
N LYS A 239 10.73 3.88 -20.38
CA LYS A 239 10.22 3.83 -19.01
C LYS A 239 9.26 2.67 -18.82
N ARG A 240 8.48 2.36 -19.86
CA ARG A 240 7.51 1.27 -19.80
C ARG A 240 8.17 -0.11 -19.75
N MET A 241 9.38 -0.22 -20.28
N MET A 241 9.39 -0.20 -20.28
CA MET A 241 10.10 -1.49 -20.22
CA MET A 241 10.16 -1.43 -20.27
C MET A 241 10.88 -1.58 -18.91
C MET A 241 10.86 -1.57 -18.93
N CYS A 242 11.47 -0.47 -18.49
CA CYS A 242 12.20 -0.43 -17.23
C CYS A 242 11.27 -0.75 -16.07
N GLY A 243 10.03 -0.27 -16.16
CA GLY A 243 9.04 -0.52 -15.14
C GLY A 243 8.77 -2.01 -14.95
N LEU A 244 8.74 -2.77 -16.04
CA LEU A 244 8.49 -4.22 -15.94
C LEU A 244 9.78 -4.93 -15.51
N LEU A 245 10.93 -4.42 -15.94
CA LEU A 245 12.20 -5.02 -15.55
C LEU A 245 12.31 -4.94 -14.03
N LEU A 246 11.69 -3.94 -13.45
CA LEU A 246 11.66 -3.77 -12.02
C LEU A 246 10.57 -4.63 -11.36
N VAL A 247 9.33 -4.40 -11.75
CA VAL A 247 8.19 -5.08 -11.12
C VAL A 247 8.13 -6.56 -11.40
N GLY A 248 8.53 -6.96 -12.60
CA GLY A 248 8.50 -8.37 -12.96
C GLY A 248 9.38 -9.28 -12.11
N GLY A 249 10.44 -8.69 -11.53
CA GLY A 249 11.35 -9.48 -10.71
C GLY A 249 11.20 -9.37 -9.21
N LEU A 250 10.11 -8.76 -8.75
CA LEU A 250 9.89 -8.62 -7.31
C LEU A 250 8.96 -9.68 -6.70
N ASP A 251 7.65 -9.51 -6.85
CA ASP A 251 6.70 -10.45 -6.26
C ASP A 251 6.86 -11.93 -6.64
N THR A 252 7.21 -12.19 -7.88
CA THR A 252 7.43 -13.56 -8.31
C THR A 252 8.55 -14.19 -7.47
N VAL A 253 9.67 -13.48 -7.35
CA VAL A 253 10.79 -13.97 -6.57
C VAL A 253 10.45 -14.05 -5.09
N VAL A 254 9.86 -12.98 -4.57
CA VAL A 254 9.49 -12.93 -3.15
C VAL A 254 8.65 -14.13 -2.77
N ASN A 255 7.57 -14.37 -3.50
N ASN A 255 7.58 -14.35 -3.53
CA ASN A 255 6.70 -15.48 -3.18
CA ASN A 255 6.65 -15.44 -3.28
C ASN A 255 7.25 -16.86 -3.50
C ASN A 255 7.22 -16.83 -3.54
N PHE A 256 7.99 -16.98 -4.60
CA PHE A 256 8.57 -18.27 -4.92
C PHE A 256 9.56 -18.70 -3.83
N LEU A 257 10.42 -17.77 -3.41
CA LEU A 257 11.37 -18.07 -2.35
C LEU A 257 10.65 -18.48 -1.06
N SER A 258 9.53 -17.83 -0.78
CA SER A 258 8.74 -18.13 0.40
C SER A 258 8.13 -19.54 0.35
N PHE A 259 7.59 -19.94 -0.82
CA PHE A 259 7.03 -21.28 -0.97
C PHE A 259 8.13 -22.31 -0.75
N SER A 260 9.30 -22.05 -1.33
CA SER A 260 10.44 -22.95 -1.22
C SER A 260 10.96 -23.09 0.21
N MET A 261 11.06 -21.97 0.92
CA MET A 261 11.54 -22.01 2.29
C MET A 261 10.51 -22.62 3.23
N GLU A 262 9.23 -22.43 2.93
CA GLU A 262 8.18 -23.05 3.75
C GLU A 262 8.35 -24.56 3.64
N PHE A 263 8.54 -25.06 2.41
CA PHE A 263 8.73 -26.49 2.18
C PHE A 263 9.96 -27.03 2.91
N LEU A 264 11.08 -26.32 2.77
CA LEU A 264 12.31 -26.75 3.44
C LEU A 264 12.17 -26.77 4.95
N ALA A 265 11.44 -25.81 5.50
CA ALA A 265 11.23 -25.74 6.95
C ALA A 265 10.44 -26.95 7.45
N LYS A 266 9.61 -27.50 6.58
N LYS A 266 9.61 -27.50 6.58
CA LYS A 266 8.77 -28.65 6.92
CA LYS A 266 8.76 -28.65 6.92
C LYS A 266 9.37 -30.00 6.51
C LYS A 266 9.36 -30.00 6.51
N SER A 267 10.49 -29.97 5.80
CA SER A 267 11.14 -31.21 5.35
C SER A 267 12.64 -31.31 5.62
N PRO A 268 13.01 -31.81 6.81
CA PRO A 268 14.42 -31.97 7.21
C PRO A 268 15.24 -32.82 6.23
N GLU A 269 14.60 -33.81 5.60
N GLU A 269 14.61 -33.82 5.61
CA GLU A 269 15.27 -34.69 4.65
CA GLU A 269 15.31 -34.68 4.64
C GLU A 269 15.83 -33.90 3.47
C GLU A 269 15.83 -33.90 3.46
N HIS A 270 15.01 -32.99 2.94
CA HIS A 270 15.41 -32.17 1.80
C HIS A 270 16.47 -31.14 2.16
N ARG A 271 16.45 -30.65 3.40
CA ARG A 271 17.47 -29.69 3.84
C ARG A 271 18.77 -30.45 3.95
N GLN A 272 18.73 -31.60 4.63
N GLN A 272 18.73 -31.60 4.63
CA GLN A 272 19.90 -32.44 4.82
CA GLN A 272 19.90 -32.44 4.82
C GLN A 272 20.49 -32.87 3.48
C GLN A 272 20.49 -32.88 3.48
N GLU A 273 19.63 -33.15 2.50
CA GLU A 273 20.08 -33.58 1.19
C GLU A 273 20.95 -32.52 0.51
N LEU A 274 20.53 -31.26 0.59
CA LEU A 274 21.30 -30.19 -0.03
C LEU A 274 22.57 -29.81 0.72
N ILE A 275 22.60 -30.10 2.02
CA ILE A 275 23.78 -29.80 2.84
C ILE A 275 24.89 -30.82 2.55
N GLU A 276 24.49 -32.05 2.25
N GLU A 276 24.49 -32.05 2.25
CA GLU A 276 25.44 -33.12 1.97
CA GLU A 276 25.44 -33.12 1.97
C GLU A 276 25.75 -33.31 0.49
C GLU A 276 25.74 -33.32 0.49
N ARG A 277 24.90 -32.75 -0.36
CA ARG A 277 25.08 -32.83 -1.81
C ARG A 277 24.85 -31.44 -2.38
N PRO A 278 25.74 -30.49 -2.06
CA PRO A 278 25.64 -29.10 -2.53
C PRO A 278 25.55 -28.96 -4.04
N GLU A 279 26.18 -29.89 -4.76
CA GLU A 279 26.18 -29.86 -6.22
C GLU A 279 24.78 -30.12 -6.80
N ARG A 280 23.85 -30.51 -5.95
CA ARG A 280 22.46 -30.78 -6.37
C ARG A 280 21.55 -29.56 -6.25
N ILE A 281 22.06 -28.48 -5.68
CA ILE A 281 21.26 -27.26 -5.52
C ILE A 281 20.64 -26.75 -6.82
N PRO A 282 21.41 -26.71 -7.93
CA PRO A 282 20.81 -26.24 -9.18
C PRO A 282 19.65 -27.10 -9.63
N ALA A 283 19.79 -28.42 -9.48
CA ALA A 283 18.74 -29.36 -9.85
C ALA A 283 17.55 -29.20 -8.91
N ALA A 284 17.84 -28.99 -7.62
CA ALA A 284 16.80 -28.80 -6.60
C ALA A 284 15.99 -27.55 -6.94
N CYS A 285 16.68 -26.52 -7.40
CA CYS A 285 16.04 -25.26 -7.79
C CYS A 285 15.00 -25.52 -8.86
N GLU A 286 15.38 -26.31 -9.87
CA GLU A 286 14.46 -26.61 -10.96
C GLU A 286 13.24 -27.41 -10.50
N GLU A 287 13.45 -28.34 -9.58
CA GLU A 287 12.34 -29.15 -9.06
C GLU A 287 11.43 -28.30 -8.19
N LEU A 288 11.99 -27.37 -7.41
CA LEU A 288 11.17 -26.48 -6.59
C LEU A 288 10.37 -25.54 -7.49
N LEU A 289 10.99 -25.11 -8.59
CA LEU A 289 10.31 -24.24 -9.55
C LEU A 289 9.08 -24.96 -10.12
N ARG A 290 9.20 -26.27 -10.31
CA ARG A 290 8.07 -27.06 -10.82
C ARG A 290 6.98 -27.25 -9.76
N ARG A 291 7.37 -27.73 -8.59
CA ARG A 291 6.42 -28.00 -7.52
C ARG A 291 5.72 -26.75 -6.96
N PHE A 292 6.45 -25.66 -6.83
CA PHE A 292 5.91 -24.43 -6.27
C PHE A 292 5.68 -23.30 -7.27
N SER A 293 5.43 -23.71 -8.51
CA SER A 293 5.06 -22.81 -9.60
C SER A 293 3.95 -21.87 -9.07
N LEU A 294 3.90 -20.63 -9.56
CA LEU A 294 2.97 -19.67 -8.98
C LEU A 294 2.29 -18.64 -9.86
N VAL A 295 2.61 -18.62 -11.15
CA VAL A 295 2.01 -17.65 -12.06
C VAL A 295 0.86 -18.25 -12.86
N ALA A 296 -0.16 -17.44 -13.09
CA ALA A 296 -1.30 -17.86 -13.88
C ALA A 296 -2.00 -16.69 -14.55
N ASP A 297 -1.68 -16.47 -15.82
CA ASP A 297 -2.36 -15.42 -16.57
C ASP A 297 -2.91 -16.04 -17.85
N GLY A 298 -3.34 -15.22 -18.80
CA GLY A 298 -3.90 -15.80 -20.00
C GLY A 298 -3.72 -15.03 -21.28
N ARG A 299 -4.57 -15.37 -22.24
CA ARG A 299 -4.55 -14.76 -23.56
C ARG A 299 -5.99 -14.51 -24.01
N ILE A 300 -6.12 -13.80 -25.13
N ILE A 300 -6.12 -13.80 -25.13
CA ILE A 300 -7.42 -13.47 -25.71
CA ILE A 300 -7.42 -13.48 -25.70
C ILE A 300 -7.52 -14.04 -27.12
C ILE A 300 -7.53 -14.03 -27.12
N LEU A 301 -8.68 -14.60 -27.47
CA LEU A 301 -8.89 -15.17 -28.80
C LEU A 301 -8.93 -14.06 -29.85
N THR A 302 -8.02 -14.13 -30.81
CA THR A 302 -7.96 -13.14 -31.88
C THR A 302 -9.07 -13.36 -32.88
N SER A 303 -9.52 -14.61 -32.99
CA SER A 303 -10.60 -14.97 -33.92
C SER A 303 -11.32 -16.22 -33.44
N ASP A 304 -12.46 -16.54 -34.07
CA ASP A 304 -13.20 -17.75 -33.74
C ASP A 304 -12.23 -18.88 -34.05
N TYR A 305 -12.11 -19.82 -33.12
CA TYR A 305 -11.15 -20.89 -33.31
C TYR A 305 -11.52 -22.17 -32.58
N GLU A 306 -11.39 -23.29 -33.28
CA GLU A 306 -11.66 -24.62 -32.73
C GLU A 306 -10.36 -25.11 -32.09
N PHE A 307 -10.39 -25.31 -30.79
CA PHE A 307 -9.21 -25.76 -30.06
C PHE A 307 -9.54 -27.02 -29.28
N HIS A 308 -8.89 -28.12 -29.63
CA HIS A 308 -9.11 -29.42 -28.99
C HIS A 308 -10.58 -29.78 -28.86
N GLY A 309 -11.31 -29.61 -29.97
CA GLY A 309 -12.73 -29.93 -30.00
C GLY A 309 -13.65 -28.94 -29.32
N VAL A 310 -13.09 -27.81 -28.88
CA VAL A 310 -13.89 -26.78 -28.22
C VAL A 310 -13.95 -25.52 -29.03
N GLN A 311 -15.16 -24.98 -29.20
CA GLN A 311 -15.32 -23.76 -29.97
C GLN A 311 -15.05 -22.52 -29.13
N LEU A 312 -14.00 -21.80 -29.49
CA LEU A 312 -13.64 -20.58 -28.79
C LEU A 312 -14.05 -19.40 -29.66
N LYS A 313 -14.68 -18.40 -29.05
CA LYS A 313 -15.13 -17.21 -29.77
C LYS A 313 -14.15 -16.06 -29.68
N LYS A 314 -14.05 -15.28 -30.77
CA LYS A 314 -13.18 -14.12 -30.82
C LYS A 314 -13.50 -13.23 -29.62
N GLY A 315 -12.46 -12.79 -28.92
CA GLY A 315 -12.68 -11.95 -27.76
C GLY A 315 -12.73 -12.72 -26.44
N ASP A 316 -12.99 -14.03 -26.50
CA ASP A 316 -13.05 -14.84 -25.28
C ASP A 316 -11.68 -14.79 -24.60
N GLN A 317 -11.70 -14.85 -23.27
CA GLN A 317 -10.44 -14.87 -22.51
C GLN A 317 -10.18 -16.31 -22.10
N ILE A 318 -8.92 -16.74 -22.17
CA ILE A 318 -8.57 -18.09 -21.76
C ILE A 318 -7.39 -18.06 -20.80
N LEU A 319 -7.61 -18.58 -19.60
CA LEU A 319 -6.55 -18.64 -18.58
C LEU A 319 -5.70 -19.87 -18.92
N LEU A 320 -4.39 -19.68 -19.02
CA LEU A 320 -3.44 -20.75 -19.35
C LEU A 320 -2.45 -20.72 -18.19
N PRO A 321 -2.83 -21.32 -17.04
CA PRO A 321 -2.01 -21.36 -15.82
C PRO A 321 -0.62 -21.94 -15.97
N GLN A 322 0.38 -21.07 -15.93
CA GLN A 322 1.77 -21.53 -16.03
C GLN A 322 2.03 -22.57 -14.93
N MET A 323 1.38 -22.36 -13.79
CA MET A 323 1.48 -23.23 -12.62
C MET A 323 1.09 -24.69 -12.87
N LEU A 324 0.08 -24.90 -13.70
CA LEU A 324 -0.42 -26.24 -13.92
C LEU A 324 0.34 -27.24 -14.76
N SER A 325 1.14 -26.78 -15.71
CA SER A 325 1.87 -27.70 -16.57
C SER A 325 2.73 -28.72 -15.79
N GLY A 326 3.56 -28.20 -14.89
CA GLY A 326 4.44 -29.06 -14.09
C GLY A 326 3.73 -29.91 -13.05
N LEU A 327 2.52 -29.52 -12.67
CA LEU A 327 1.76 -30.30 -11.68
C LEU A 327 0.92 -31.39 -12.34
N ASP A 328 0.90 -31.38 -13.67
CA ASP A 328 0.14 -32.35 -14.48
C ASP A 328 0.78 -33.74 -14.38
N GLU A 329 0.03 -34.71 -13.87
CA GLU A 329 0.56 -36.08 -13.75
C GLU A 329 0.95 -36.65 -15.12
N ARG A 330 0.40 -36.08 -16.19
CA ARG A 330 0.73 -36.53 -17.54
C ARG A 330 2.13 -36.04 -17.96
N GLU A 331 2.63 -35.06 -17.21
CA GLU A 331 3.96 -34.50 -17.46
C GLU A 331 4.99 -35.03 -16.47
N ASN A 332 4.57 -35.21 -15.21
CA ASN A 332 5.47 -35.69 -14.16
C ASN A 332 4.80 -36.68 -13.21
N ALA A 333 5.47 -37.80 -12.95
CA ALA A 333 4.98 -38.84 -12.04
C ALA A 333 4.86 -38.27 -10.62
N ALA A 334 3.77 -38.61 -9.92
CA ALA A 334 3.50 -38.13 -8.55
C ALA A 334 3.95 -36.67 -8.46
N PRO A 335 3.31 -35.78 -9.25
CA PRO A 335 3.63 -34.35 -9.30
C PRO A 335 3.67 -33.54 -8.01
N MET A 336 2.89 -33.93 -7.01
CA MET A 336 2.87 -33.19 -5.75
C MET A 336 4.03 -33.55 -4.84
N HIS A 337 4.85 -34.50 -5.27
CA HIS A 337 6.00 -34.93 -4.49
C HIS A 337 7.30 -34.34 -5.02
N VAL A 338 8.13 -33.86 -4.09
CA VAL A 338 9.41 -33.24 -4.45
C VAL A 338 10.55 -34.25 -4.51
N ASP A 339 11.20 -34.35 -5.66
CA ASP A 339 12.32 -35.26 -5.87
C ASP A 339 13.43 -34.50 -6.57
N PHE A 340 14.45 -34.11 -5.81
CA PHE A 340 15.56 -33.36 -6.38
C PHE A 340 16.33 -34.13 -7.44
N SER A 341 16.17 -35.46 -7.45
CA SER A 341 16.85 -36.32 -8.42
C SER A 341 16.01 -36.66 -9.66
N ARG A 342 14.86 -35.98 -9.83
CA ARG A 342 14.01 -36.23 -11.00
C ARG A 342 14.83 -36.09 -12.27
N GLN A 343 14.76 -37.09 -13.14
N GLN A 343 14.75 -37.09 -13.13
CA GLN A 343 15.53 -37.06 -14.38
CA GLN A 343 15.50 -37.11 -14.39
C GLN A 343 14.96 -36.09 -15.42
C GLN A 343 14.97 -36.12 -15.42
N LYS A 344 13.64 -35.94 -15.44
CA LYS A 344 12.98 -35.02 -16.38
C LYS A 344 11.97 -34.15 -15.65
N VAL A 345 12.40 -32.92 -15.35
CA VAL A 345 11.58 -31.96 -14.60
C VAL A 345 10.89 -31.09 -15.62
N SER A 346 9.67 -31.48 -15.96
CA SER A 346 8.87 -30.76 -16.94
C SER A 346 8.03 -29.69 -16.26
N HIS A 347 8.09 -28.46 -16.78
CA HIS A 347 7.30 -27.34 -16.25
C HIS A 347 7.29 -26.15 -17.18
N THR A 348 6.40 -25.19 -16.90
CA THR A 348 6.29 -23.93 -17.64
C THR A 348 6.19 -22.82 -16.59
N THR A 349 6.99 -22.93 -15.55
CA THR A 349 6.96 -21.96 -14.45
C THR A 349 7.31 -20.53 -14.86
N PHE A 350 8.22 -20.39 -15.82
CA PHE A 350 8.62 -19.08 -16.34
C PHE A 350 7.81 -18.76 -17.60
N GLY A 351 6.77 -19.53 -17.85
CA GLY A 351 5.96 -19.31 -19.03
C GLY A 351 6.40 -20.21 -20.17
N HIS A 352 5.88 -19.92 -21.35
CA HIS A 352 6.17 -20.71 -22.54
C HIS A 352 5.86 -19.86 -23.77
N GLY A 353 6.56 -20.11 -24.86
CA GLY A 353 6.30 -19.33 -26.07
C GLY A 353 7.07 -18.02 -26.10
N SER A 354 6.62 -17.11 -26.96
CA SER A 354 7.28 -15.82 -27.15
C SER A 354 7.47 -14.93 -25.91
N HIS A 355 6.61 -15.10 -24.91
CA HIS A 355 6.71 -14.29 -23.70
C HIS A 355 7.48 -14.89 -22.54
N LEU A 356 8.14 -16.02 -22.79
CA LEU A 356 8.95 -16.72 -21.77
C LEU A 356 9.74 -15.69 -20.94
N CYS A 357 9.66 -15.80 -19.63
CA CYS A 357 10.31 -14.84 -18.71
C CYS A 357 11.71 -14.37 -19.12
N LEU A 358 11.86 -13.07 -19.30
CA LEU A 358 13.15 -12.51 -19.66
C LEU A 358 14.13 -12.58 -18.47
N GLY A 359 13.58 -12.66 -17.26
CA GLY A 359 14.43 -12.74 -16.08
C GLY A 359 14.66 -14.15 -15.55
N GLN A 360 14.38 -15.18 -16.36
CA GLN A 360 14.54 -16.56 -15.90
C GLN A 360 15.96 -16.88 -15.42
N HIS A 361 16.95 -16.32 -16.11
CA HIS A 361 18.35 -16.59 -15.74
C HIS A 361 18.72 -15.92 -14.42
N LEU A 362 18.25 -14.68 -14.25
CA LEU A 362 18.49 -13.95 -13.01
C LEU A 362 17.75 -14.64 -11.86
N ALA A 363 16.52 -15.07 -12.14
CA ALA A 363 15.70 -15.75 -11.13
C ALA A 363 16.36 -17.02 -10.62
N ARG A 364 16.80 -17.89 -11.52
CA ARG A 364 17.45 -19.13 -11.11
C ARG A 364 18.68 -18.86 -10.26
N ARG A 365 19.45 -17.82 -10.63
CA ARG A 365 20.64 -17.50 -9.87
C ARG A 365 20.29 -17.02 -8.46
N GLU A 366 19.21 -16.26 -8.34
CA GLU A 366 18.79 -15.78 -7.03
C GLU A 366 18.36 -16.93 -6.13
N ILE A 367 17.65 -17.90 -6.72
CA ILE A 367 17.18 -19.05 -5.97
C ILE A 367 18.35 -19.91 -5.50
N ILE A 368 19.24 -20.23 -6.43
CA ILE A 368 20.40 -21.06 -6.14
C ILE A 368 21.31 -20.43 -5.08
N VAL A 369 21.57 -19.14 -5.22
CA VAL A 369 22.41 -18.44 -4.26
C VAL A 369 21.74 -18.43 -2.88
N THR A 370 20.43 -18.18 -2.85
CA THR A 370 19.69 -18.15 -1.59
C THR A 370 19.77 -19.50 -0.87
N LEU A 371 19.52 -20.58 -1.59
CA LEU A 371 19.56 -21.92 -1.01
C LEU A 371 20.94 -22.29 -0.47
N LYS A 372 21.98 -22.00 -1.24
CA LYS A 372 23.34 -22.32 -0.83
C LYS A 372 23.78 -21.51 0.39
N GLU A 373 23.61 -20.19 0.31
CA GLU A 373 24.02 -19.33 1.42
C GLU A 373 23.18 -19.48 2.69
N TRP A 374 21.91 -19.85 2.55
CA TRP A 374 21.07 -20.03 3.74
C TRP A 374 21.41 -21.35 4.43
N LEU A 375 21.45 -22.44 3.66
CA LEU A 375 21.73 -23.76 4.21
C LEU A 375 23.13 -23.87 4.82
N THR A 376 24.02 -22.98 4.39
CA THR A 376 25.40 -22.94 4.89
C THR A 376 25.47 -22.31 6.27
N ARG A 377 24.62 -21.32 6.51
CA ARG A 377 24.61 -20.60 7.79
C ARG A 377 23.51 -21.00 8.76
N ILE A 378 22.34 -21.35 8.24
CA ILE A 378 21.20 -21.75 9.08
C ILE A 378 20.67 -23.05 8.49
N PRO A 379 21.38 -24.16 8.73
CA PRO A 379 21.00 -25.48 8.22
C PRO A 379 19.76 -26.11 8.84
N ASP A 380 19.45 -25.73 10.08
CA ASP A 380 18.31 -26.30 10.79
C ASP A 380 17.32 -25.23 11.24
N PHE A 381 16.19 -25.15 10.55
CA PHE A 381 15.14 -24.18 10.88
C PHE A 381 13.76 -24.83 10.74
N SER A 382 12.76 -24.22 11.38
CA SER A 382 11.39 -24.74 11.34
C SER A 382 10.37 -23.60 11.32
N ILE A 383 9.10 -23.95 11.13
CA ILE A 383 8.03 -22.97 11.16
C ILE A 383 7.85 -22.64 12.64
N ALA A 384 7.60 -21.38 12.94
CA ALA A 384 7.40 -20.95 14.34
C ALA A 384 6.27 -21.73 14.98
N PRO A 385 6.45 -22.19 16.23
CA PRO A 385 5.42 -22.93 16.95
C PRO A 385 4.12 -22.13 17.02
N GLY A 386 2.99 -22.80 16.80
CA GLY A 386 1.70 -22.12 16.86
C GLY A 386 1.31 -21.35 15.60
N ALA A 387 2.24 -21.20 14.66
CA ALA A 387 1.94 -20.49 13.42
C ALA A 387 1.23 -21.37 12.41
N GLN A 388 0.34 -20.75 11.64
CA GLN A 388 -0.40 -21.44 10.59
C GLN A 388 -0.16 -20.63 9.32
N ILE A 389 0.53 -21.24 8.36
CA ILE A 389 0.86 -20.57 7.11
C ILE A 389 -0.34 -20.51 6.18
N GLN A 390 -0.60 -19.31 5.64
CA GLN A 390 -1.71 -19.11 4.72
C GLN A 390 -1.23 -18.65 3.35
N HIS A 391 -1.79 -19.25 2.31
CA HIS A 391 -1.43 -18.88 0.95
C HIS A 391 -2.48 -17.93 0.37
N LYS A 392 -2.12 -17.23 -0.70
CA LYS A 392 -3.03 -16.33 -1.41
C LYS A 392 -2.97 -16.71 -2.87
N SER A 393 -4.11 -16.60 -3.57
CA SER A 393 -4.18 -16.98 -4.96
C SER A 393 -4.50 -15.81 -5.90
N GLY A 394 -3.90 -15.83 -7.09
CA GLY A 394 -4.13 -14.77 -8.06
C GLY A 394 -3.23 -14.94 -9.26
N ILE A 395 -2.94 -13.84 -9.95
CA ILE A 395 -2.07 -13.88 -11.12
C ILE A 395 -0.69 -14.38 -10.67
N VAL A 396 -0.24 -13.91 -9.52
CA VAL A 396 1.00 -14.39 -8.92
C VAL A 396 0.57 -14.80 -7.51
N SER A 397 0.48 -16.12 -7.27
CA SER A 397 0.08 -16.64 -5.98
C SER A 397 1.22 -16.49 -4.98
N GLY A 398 0.92 -16.61 -3.69
CA GLY A 398 1.98 -16.45 -2.72
C GLY A 398 1.69 -16.86 -1.29
N VAL A 399 2.62 -16.48 -0.41
CA VAL A 399 2.56 -16.78 1.01
C VAL A 399 2.33 -15.49 1.79
N GLN A 400 1.30 -15.47 2.64
CA GLN A 400 0.98 -14.28 3.42
C GLN A 400 2.10 -13.88 4.36
N ALA A 401 2.58 -14.84 5.14
CA ALA A 401 3.66 -14.61 6.11
C ALA A 401 4.32 -15.93 6.43
N LEU A 402 5.64 -15.90 6.62
CA LEU A 402 6.38 -17.12 6.91
C LEU A 402 7.32 -16.96 8.09
N PRO A 403 6.80 -17.13 9.32
CA PRO A 403 7.61 -17.01 10.52
C PRO A 403 8.49 -18.25 10.71
N LEU A 404 9.80 -18.04 10.75
CA LEU A 404 10.76 -19.14 10.93
C LEU A 404 11.51 -19.00 12.24
N VAL A 405 11.97 -20.13 12.77
CA VAL A 405 12.75 -20.14 14.02
C VAL A 405 13.92 -21.12 13.92
N TRP A 406 14.97 -20.85 14.69
CA TRP A 406 16.14 -21.72 14.73
C TRP A 406 16.93 -21.41 15.99
N ASP A 407 17.83 -22.31 16.35
CA ASP A 407 18.67 -22.13 17.53
C ASP A 407 19.98 -21.50 17.02
N PRO A 408 20.28 -20.26 17.45
CA PRO A 408 21.50 -19.57 17.01
C PRO A 408 22.78 -20.35 17.29
N ALA A 409 22.77 -21.17 18.34
CA ALA A 409 23.92 -21.98 18.70
C ALA A 409 24.17 -23.12 17.69
N THR A 410 23.20 -23.37 16.83
CA THR A 410 23.32 -24.43 15.82
C THR A 410 23.68 -23.89 14.43
N THR A 411 23.90 -22.58 14.36
CA THR A 411 24.25 -21.94 13.09
C THR A 411 25.75 -21.69 12.99
N LYS A 412 26.22 -21.34 11.80
CA LYS A 412 27.64 -21.06 11.60
C LYS A 412 27.89 -19.89 10.66
N ALA A 413 28.47 -18.82 11.20
CA ALA A 413 28.79 -17.63 10.43
C ALA A 413 29.94 -17.92 9.47
N VAL A 414 29.64 -17.85 8.17
CA VAL A 414 30.61 -18.13 7.11
C VAL A 414 30.64 -16.99 6.07
N ALA B 9 8.68 32.21 27.64
CA ALA B 9 8.75 31.42 26.38
C ALA B 9 9.68 30.21 26.52
N ASN B 10 10.85 30.45 27.12
CA ASN B 10 11.87 29.41 27.34
C ASN B 10 12.51 28.86 26.07
N LEU B 11 13.64 29.45 25.70
CA LEU B 11 14.38 29.04 24.51
C LEU B 11 15.36 27.96 24.92
N ALA B 12 15.41 26.88 24.13
CA ALA B 12 16.35 25.80 24.40
C ALA B 12 17.69 26.18 23.80
N PRO B 13 18.76 26.13 24.61
CA PRO B 13 20.12 26.47 24.15
C PRO B 13 20.49 25.81 22.82
N LEU B 14 20.81 26.64 21.84
CA LEU B 14 21.16 26.19 20.50
C LEU B 14 22.26 25.12 20.45
N PRO B 15 21.91 23.91 19.98
CA PRO B 15 22.86 22.79 19.88
C PRO B 15 24.07 23.19 19.04
N PRO B 16 25.27 22.74 19.46
CA PRO B 16 26.56 23.00 18.80
C PRO B 16 26.60 22.81 17.28
N HIS B 17 25.88 21.80 16.79
CA HIS B 17 25.87 21.49 15.36
C HIS B 17 24.95 22.35 14.47
N VAL B 18 24.08 23.14 15.08
CA VAL B 18 23.16 23.97 14.31
C VAL B 18 23.63 25.41 14.07
N PRO B 19 23.75 25.82 12.80
CA PRO B 19 24.19 27.16 12.41
C PRO B 19 23.17 28.22 12.85
N GLU B 20 23.66 29.34 13.36
CA GLU B 20 22.79 30.42 13.83
C GLU B 20 21.93 31.05 12.73
N HIS B 21 22.39 30.99 11.48
CA HIS B 21 21.64 31.57 10.38
C HIS B 21 20.41 30.76 9.98
N LEU B 22 20.31 29.53 10.51
CA LEU B 22 19.17 28.66 10.22
C LEU B 22 18.13 28.71 11.33
N VAL B 23 18.39 29.53 12.34
CA VAL B 23 17.48 29.66 13.48
C VAL B 23 16.25 30.52 13.16
N PHE B 24 15.08 29.95 13.41
CA PHE B 24 13.80 30.62 13.18
C PHE B 24 12.90 30.13 14.30
N ASP B 25 12.75 30.94 15.32
CA ASP B 25 11.96 30.52 16.48
C ASP B 25 10.44 30.51 16.22
N PHE B 26 9.90 29.32 16.04
CA PHE B 26 8.47 29.19 15.77
C PHE B 26 7.90 28.25 16.82
N ASP B 27 6.78 28.65 17.43
CA ASP B 27 6.11 27.84 18.44
C ASP B 27 4.84 27.28 17.81
N MET B 28 4.85 25.99 17.49
CA MET B 28 3.70 25.36 16.85
C MET B 28 2.44 25.28 17.72
N TYR B 29 2.61 25.44 19.03
CA TYR B 29 1.46 25.38 19.95
C TYR B 29 0.87 26.74 20.27
N ASN B 30 1.55 27.80 19.84
CA ASN B 30 1.11 29.17 20.06
C ASN B 30 1.91 30.09 19.14
N PRO B 31 1.71 29.98 17.83
CA PRO B 31 2.42 30.81 16.86
C PRO B 31 1.93 32.24 16.89
N SER B 32 2.83 33.19 16.64
CA SER B 32 2.44 34.59 16.63
C SER B 32 1.51 34.81 15.42
N ASN B 33 0.69 35.86 15.47
CA ASN B 33 -0.24 36.16 14.38
C ASN B 33 -1.38 35.13 14.26
N LEU B 34 -1.57 34.31 15.29
CA LEU B 34 -2.63 33.30 15.28
C LEU B 34 -4.01 33.94 15.06
N SER B 35 -4.15 35.19 15.50
CA SER B 35 -5.42 35.91 15.35
C SER B 35 -5.76 36.18 13.88
N ALA B 36 -4.78 36.08 13.00
CA ALA B 36 -4.98 36.30 11.57
C ALA B 36 -5.36 35.00 10.84
N GLY B 37 -5.40 33.89 11.58
CA GLY B 37 -5.74 32.62 10.98
C GLY B 37 -4.59 31.65 11.20
N VAL B 38 -4.91 30.42 11.60
CA VAL B 38 -3.87 29.44 11.88
C VAL B 38 -2.99 29.11 10.67
N GLN B 39 -3.59 28.89 9.49
CA GLN B 39 -2.82 28.58 8.29
C GLN B 39 -1.92 29.75 7.91
N GLU B 40 -2.44 30.96 8.08
CA GLU B 40 -1.70 32.18 7.79
C GLU B 40 -0.52 32.33 8.76
N ALA B 41 -0.74 31.92 10.01
CA ALA B 41 0.29 32.00 11.03
C ALA B 41 1.44 31.05 10.71
N TRP B 42 1.11 29.88 10.17
CA TRP B 42 2.13 28.90 9.80
C TRP B 42 2.85 29.34 8.52
N ALA B 43 2.13 30.04 7.65
CA ALA B 43 2.66 30.51 6.37
C ALA B 43 3.85 31.46 6.54
N VAL B 44 4.07 31.95 7.76
CA VAL B 44 5.19 32.85 8.04
C VAL B 44 6.51 32.14 7.74
N LEU B 45 6.51 30.81 7.87
CA LEU B 45 7.68 29.99 7.61
C LEU B 45 8.02 29.92 6.12
N GLN B 46 7.10 30.42 5.29
CA GLN B 46 7.29 30.41 3.85
C GLN B 46 7.52 31.79 3.25
N GLU B 47 7.86 32.77 4.10
CA GLU B 47 8.14 34.13 3.64
C GLU B 47 9.49 34.09 2.94
N SER B 48 9.70 34.99 1.97
CA SER B 48 10.94 35.03 1.19
C SER B 48 12.24 35.02 1.99
N ASN B 49 12.19 35.53 3.22
CA ASN B 49 13.37 35.59 4.09
C ASN B 49 13.66 34.29 4.88
N VAL B 50 12.87 33.25 4.64
CA VAL B 50 13.03 31.99 5.37
C VAL B 50 13.61 30.83 4.55
N PRO B 51 14.60 30.12 5.11
CA PRO B 51 15.25 28.98 4.46
C PRO B 51 14.30 27.78 4.37
N ASP B 52 14.63 26.82 3.51
CA ASP B 52 13.81 25.62 3.34
C ASP B 52 13.74 24.78 4.61
N LEU B 53 14.83 24.78 5.38
CA LEU B 53 14.90 24.02 6.63
C LEU B 53 15.46 24.92 7.72
N VAL B 54 14.69 25.10 8.79
CA VAL B 54 15.11 25.95 9.90
C VAL B 54 15.09 25.23 11.25
N TRP B 55 15.70 25.86 12.25
CA TRP B 55 15.74 25.31 13.59
C TRP B 55 15.06 26.25 14.57
N THR B 56 14.13 25.71 15.35
CA THR B 56 13.43 26.52 16.34
C THR B 56 13.89 26.10 17.73
N ARG B 57 14.11 27.09 18.60
CA ARG B 57 14.54 26.83 19.97
C ARG B 57 13.36 26.63 20.91
N CYS B 58 12.15 26.74 20.37
CA CYS B 58 10.94 26.55 21.16
C CYS B 58 10.68 25.05 21.31
N ASN B 59 9.92 24.69 22.34
CA ASN B 59 9.54 23.30 22.60
C ASN B 59 10.71 22.30 22.60
N GLY B 60 11.75 22.61 23.37
CA GLY B 60 12.90 21.72 23.46
C GLY B 60 13.89 21.81 22.30
N GLY B 61 13.50 22.52 21.23
CA GLY B 61 14.37 22.66 20.08
C GLY B 61 14.20 21.57 19.04
N HIS B 62 13.96 21.94 17.80
CA HIS B 62 13.77 20.98 16.72
C HIS B 62 13.80 21.61 15.34
N TRP B 63 13.93 20.79 14.30
CA TRP B 63 13.95 21.26 12.91
C TRP B 63 12.54 21.44 12.36
N ILE B 64 12.42 22.23 11.29
CA ILE B 64 11.15 22.45 10.64
C ILE B 64 11.34 22.57 9.13
N ALA B 65 10.80 21.60 8.38
CA ALA B 65 10.88 21.64 6.92
C ALA B 65 9.74 22.59 6.52
N THR B 66 10.09 23.69 5.86
CA THR B 66 9.10 24.69 5.47
C THR B 66 8.56 24.61 4.04
N ARG B 67 9.16 23.77 3.21
CA ARG B 67 8.72 23.64 1.82
C ARG B 67 8.24 22.24 1.45
N GLY B 68 7.27 22.18 0.55
CA GLY B 68 6.69 20.92 0.11
C GLY B 68 7.66 19.86 -0.40
N GLN B 69 8.68 20.28 -1.15
CA GLN B 69 9.65 19.32 -1.69
C GLN B 69 10.37 18.57 -0.57
N LEU B 70 10.80 19.28 0.45
CA LEU B 70 11.50 18.67 1.58
C LEU B 70 10.57 17.81 2.44
N ILE B 71 9.36 18.31 2.66
CA ILE B 71 8.37 17.59 3.47
C ILE B 71 8.09 16.23 2.84
N ARG B 72 7.88 16.23 1.52
CA ARG B 72 7.60 15.00 0.80
C ARG B 72 8.81 14.05 0.80
N GLU B 73 9.99 14.58 0.49
CA GLU B 73 11.19 13.77 0.46
C GLU B 73 11.46 13.06 1.79
N ALA B 74 11.31 13.78 2.90
CA ALA B 74 11.54 13.20 4.21
C ALA B 74 10.54 12.09 4.54
N TYR B 75 9.27 12.31 4.21
CA TYR B 75 8.25 11.30 4.47
C TYR B 75 8.43 10.03 3.63
N GLU B 76 9.12 10.17 2.50
CA GLU B 76 9.37 9.03 1.61
C GLU B 76 10.54 8.18 2.10
N ASP B 77 11.44 8.83 2.84
CA ASP B 77 12.65 8.19 3.37
C ASP B 77 12.52 7.88 4.86
N TYR B 78 11.86 6.76 5.16
CA TYR B 78 11.66 6.34 6.55
C TYR B 78 12.93 5.76 7.18
N ARG B 79 13.92 5.46 6.36
CA ARG B 79 15.18 4.92 6.87
C ARG B 79 15.97 5.99 7.62
N HIS B 80 15.93 7.23 7.15
CA HIS B 80 16.62 8.33 7.82
C HIS B 80 15.67 9.09 8.75
N PHE B 81 14.38 9.02 8.47
CA PHE B 81 13.36 9.71 9.28
C PHE B 81 12.33 8.72 9.83
N SER B 82 12.55 8.26 11.06
CA SER B 82 11.70 7.29 11.72
C SER B 82 10.42 7.85 12.35
N SER B 83 9.38 7.02 12.37
N SER B 83 9.38 7.02 12.37
CA SER B 83 8.09 7.40 12.94
CA SER B 83 8.08 7.39 12.95
C SER B 83 7.94 6.86 14.37
C SER B 83 7.93 6.86 14.38
N GLU B 84 9.06 6.53 15.00
CA GLU B 84 9.10 6.01 16.38
C GLU B 84 8.19 6.80 17.33
N CYS B 85 8.19 8.12 17.18
CA CYS B 85 7.34 9.01 17.96
C CYS B 85 7.25 10.31 17.18
N PRO B 86 6.19 10.45 16.35
CA PRO B 86 5.96 11.64 15.53
C PRO B 86 5.64 12.89 16.33
N PHE B 87 5.43 12.74 17.63
CA PHE B 87 5.11 13.86 18.50
C PHE B 87 6.34 14.70 18.80
N ILE B 88 6.25 16.00 18.53
CA ILE B 88 7.37 16.91 18.79
C ILE B 88 6.88 18.08 19.63
N PRO B 89 7.42 18.22 20.87
CA PRO B 89 8.42 17.34 21.49
C PRO B 89 7.85 15.99 21.90
N ARG B 90 8.73 15.07 22.26
CA ARG B 90 8.31 13.72 22.66
C ARG B 90 7.27 13.71 23.77
N GLU B 91 7.46 14.56 24.78
CA GLU B 91 6.56 14.67 25.92
C GLU B 91 5.13 15.02 25.50
N ALA B 92 4.98 15.54 24.27
CA ALA B 92 3.66 15.91 23.77
C ALA B 92 2.79 14.66 23.54
N GLY B 93 3.43 13.51 23.36
CA GLY B 93 2.70 12.28 23.15
C GLY B 93 2.57 11.39 24.37
N GLU B 94 3.30 11.74 25.44
CA GLU B 94 3.25 10.97 26.68
C GLU B 94 3.33 9.46 26.49
N ALA B 95 2.28 8.76 26.95
CA ALA B 95 2.19 7.31 26.86
C ALA B 95 1.35 6.86 25.67
N TYR B 96 1.33 7.67 24.62
CA TYR B 96 0.60 7.32 23.39
C TYR B 96 1.20 5.99 22.89
N ASP B 97 0.33 5.04 22.53
CA ASP B 97 0.80 3.74 22.07
C ASP B 97 -0.02 3.13 20.93
N PHE B 98 -0.78 3.96 20.23
CA PHE B 98 -1.60 3.46 19.12
C PHE B 98 -0.78 2.84 17.99
N ILE B 99 -1.39 1.87 17.31
CA ILE B 99 -0.78 1.17 16.19
C ILE B 99 -1.52 1.64 14.93
N PRO B 100 -0.79 1.81 13.80
CA PRO B 100 0.64 1.59 13.58
C PRO B 100 1.51 2.85 13.54
N THR B 101 1.09 3.90 14.25
CA THR B 101 1.79 5.18 14.29
C THR B 101 3.30 5.12 14.47
N SER B 102 3.77 4.30 15.42
CA SER B 102 5.20 4.19 15.70
C SER B 102 5.94 3.13 14.90
N MET B 103 5.23 2.47 14.00
CA MET B 103 5.85 1.43 13.17
C MET B 103 6.23 1.90 11.78
N ASP B 104 7.37 1.43 11.29
CA ASP B 104 7.80 1.77 9.94
C ASP B 104 7.92 0.46 9.15
N PRO B 105 7.94 0.55 7.81
CA PRO B 105 8.04 -0.69 7.01
C PRO B 105 9.33 -1.42 7.34
N PRO B 106 9.31 -2.77 7.30
CA PRO B 106 8.15 -3.60 6.95
C PRO B 106 7.17 -3.94 8.09
N GLU B 107 7.56 -3.71 9.34
CA GLU B 107 6.70 -4.02 10.49
C GLU B 107 5.28 -3.48 10.38
N GLN B 108 5.16 -2.27 9.85
CA GLN B 108 3.88 -1.59 9.71
C GLN B 108 2.87 -2.17 8.70
N ARG B 109 3.38 -2.84 7.65
CA ARG B 109 2.53 -3.34 6.58
C ARG B 109 1.30 -4.20 6.93
N GLN B 110 1.47 -5.23 7.74
CA GLN B 110 0.31 -6.09 8.07
C GLN B 110 -0.81 -5.33 8.78
N PHE B 111 -0.43 -4.36 9.61
CA PHE B 111 -1.42 -3.56 10.33
C PHE B 111 -2.15 -2.59 9.40
N ARG B 112 -1.43 -1.97 8.48
CA ARG B 112 -2.08 -1.06 7.53
C ARG B 112 -3.01 -1.82 6.61
N ALA B 113 -2.62 -3.04 6.22
CA ALA B 113 -3.44 -3.88 5.35
C ALA B 113 -4.76 -4.21 6.05
N LEU B 114 -4.67 -4.58 7.33
CA LEU B 114 -5.84 -4.93 8.12
C LEU B 114 -6.74 -3.71 8.32
N ALA B 115 -6.13 -2.56 8.55
CA ALA B 115 -6.87 -1.31 8.76
C ALA B 115 -7.63 -0.92 7.50
N ASN B 116 -6.98 -1.01 6.35
CA ASN B 116 -7.61 -0.67 5.08
C ASN B 116 -8.79 -1.58 4.81
N GLN B 117 -8.71 -2.80 5.35
CA GLN B 117 -9.77 -3.78 5.18
C GLN B 117 -11.05 -3.32 5.86
N VAL B 118 -10.90 -2.57 6.96
CA VAL B 118 -12.06 -2.08 7.72
C VAL B 118 -12.51 -0.64 7.48
N VAL B 119 -11.65 0.21 6.92
CA VAL B 119 -12.03 1.60 6.65
C VAL B 119 -11.75 2.06 5.22
N GLY B 120 -11.38 1.10 4.36
CA GLY B 120 -11.07 1.40 2.98
C GLY B 120 -12.26 1.80 2.11
N MET B 121 -11.95 2.14 0.85
CA MET B 121 -12.97 2.59 -0.10
C MET B 121 -14.24 1.72 -0.22
N PRO B 122 -14.10 0.39 -0.30
CA PRO B 122 -15.29 -0.46 -0.40
C PRO B 122 -16.23 -0.32 0.79
N VAL B 123 -15.64 -0.20 1.99
CA VAL B 123 -16.41 -0.04 3.21
C VAL B 123 -17.14 1.30 3.19
N VAL B 124 -16.43 2.34 2.77
CA VAL B 124 -17.00 3.68 2.69
C VAL B 124 -18.19 3.75 1.73
N ASP B 125 -18.04 3.14 0.56
CA ASP B 125 -19.11 3.11 -0.44
C ASP B 125 -20.38 2.45 0.11
N LYS B 126 -20.19 1.40 0.90
CA LYS B 126 -21.29 0.66 1.52
C LYS B 126 -21.98 1.47 2.63
N LEU B 127 -21.16 2.26 3.33
N LEU B 127 -21.19 2.25 3.36
CA LEU B 127 -21.62 3.08 4.45
CA LEU B 127 -21.74 3.07 4.45
C LEU B 127 -22.23 4.42 4.01
C LEU B 127 -22.29 4.42 3.99
N GLU B 128 -21.97 4.83 2.76
CA GLU B 128 -22.45 6.12 2.24
C GLU B 128 -23.92 6.50 2.46
N ASN B 129 -24.84 5.58 2.18
CA ASN B 129 -26.26 5.87 2.37
C ASN B 129 -26.61 6.15 3.83
N ARG B 130 -25.99 5.41 4.75
CA ARG B 130 -26.22 5.63 6.18
C ARG B 130 -25.54 6.92 6.64
N ILE B 131 -24.42 7.26 6.02
CA ILE B 131 -23.68 8.48 6.35
C ILE B 131 -24.52 9.69 5.95
N GLN B 132 -25.21 9.58 4.82
CA GLN B 132 -26.08 10.64 4.32
C GLN B 132 -27.26 10.84 5.28
N GLU B 133 -27.87 9.73 5.70
CA GLU B 133 -29.01 9.76 6.62
C GLU B 133 -28.64 10.46 7.92
N LEU B 134 -27.42 10.20 8.41
CA LEU B 134 -26.93 10.82 9.63
C LEU B 134 -26.74 12.32 9.45
N ALA B 135 -26.15 12.72 8.33
CA ALA B 135 -25.93 14.14 8.02
C ALA B 135 -27.27 14.85 7.92
N CYS B 136 -28.19 14.26 7.15
N CYS B 136 -28.17 14.25 7.16
CA CYS B 136 -29.54 14.83 6.95
CA CYS B 136 -29.51 14.78 6.94
C CYS B 136 -30.28 14.97 8.27
C CYS B 136 -30.26 14.95 8.25
N SER B 137 -30.15 13.97 9.14
CA SER B 137 -30.82 13.98 10.44
C SER B 137 -30.36 15.17 11.27
N LEU B 138 -29.05 15.36 11.36
CA LEU B 138 -28.46 16.45 12.12
C LEU B 138 -28.84 17.82 11.57
N ILE B 139 -28.74 17.97 10.25
CA ILE B 139 -29.04 19.23 9.59
C ILE B 139 -30.52 19.62 9.66
N GLU B 140 -31.41 18.66 9.45
CA GLU B 140 -32.84 18.94 9.49
C GLU B 140 -33.28 19.35 10.89
N SER B 141 -32.59 18.86 11.91
CA SER B 141 -32.91 19.19 13.30
C SER B 141 -32.47 20.61 13.66
N LEU B 142 -31.45 21.11 12.98
CA LEU B 142 -30.93 22.45 13.24
C LEU B 142 -31.60 23.52 12.36
N ARG B 143 -31.98 23.12 11.16
CA ARG B 143 -32.61 24.01 10.17
C ARG B 143 -33.64 25.03 10.66
N PRO B 144 -34.67 24.58 11.39
CA PRO B 144 -35.69 25.53 11.88
C PRO B 144 -35.22 26.51 12.98
N GLN B 145 -34.04 26.28 13.54
CA GLN B 145 -33.53 27.14 14.61
C GLN B 145 -33.02 28.50 14.14
N GLY B 146 -32.47 28.54 12.94
CA GLY B 146 -31.94 29.79 12.41
C GLY B 146 -30.59 30.13 13.01
N GLN B 147 -30.03 29.19 13.76
CA GLN B 147 -28.73 29.38 14.40
C GLN B 147 -28.19 28.08 14.97
N CYS B 148 -26.87 28.05 15.20
CA CYS B 148 -26.21 26.89 15.78
C CYS B 148 -24.73 27.17 15.89
N ASN B 149 -24.10 26.39 16.79
CA ASN B 149 -22.64 26.41 16.92
C ASN B 149 -22.23 25.19 16.08
N PHE B 150 -21.91 25.42 14.81
CA PHE B 150 -21.58 24.33 13.92
C PHE B 150 -20.65 23.26 14.49
N THR B 151 -19.59 23.71 15.15
CA THR B 151 -18.59 22.83 15.74
C THR B 151 -19.19 21.88 16.76
N GLU B 152 -20.00 22.43 17.67
CA GLU B 152 -20.65 21.65 18.72
C GLU B 152 -21.86 20.85 18.25
N ASP B 153 -22.71 21.50 17.46
CA ASP B 153 -23.97 20.92 17.00
C ASP B 153 -23.97 19.99 15.80
N TYR B 154 -22.91 20.02 14.99
CA TYR B 154 -22.84 19.13 13.84
C TYR B 154 -21.51 18.41 13.75
N ALA B 155 -20.43 19.19 13.76
CA ALA B 155 -19.08 18.66 13.62
C ALA B 155 -18.67 17.61 14.64
N GLU B 156 -18.99 17.83 15.91
CA GLU B 156 -18.63 16.87 16.94
C GLU B 156 -19.44 15.57 16.89
N PRO B 157 -20.78 15.65 16.78
CA PRO B 157 -21.63 14.46 16.74
C PRO B 157 -21.51 13.56 15.50
N PHE B 158 -21.22 14.17 14.36
CA PHE B 158 -21.12 13.45 13.08
C PHE B 158 -20.10 12.30 13.02
N PRO B 159 -18.80 12.58 13.24
CA PRO B 159 -17.77 11.52 13.18
C PRO B 159 -17.95 10.41 14.21
N ILE B 160 -18.31 10.77 15.44
CA ILE B 160 -18.48 9.77 16.48
C ILE B 160 -19.62 8.82 16.16
N ARG B 161 -20.70 9.34 15.58
CA ARG B 161 -21.84 8.50 15.21
C ARG B 161 -21.46 7.58 14.04
N ILE B 162 -20.61 8.09 13.14
CA ILE B 162 -20.16 7.29 12.01
C ILE B 162 -19.29 6.13 12.51
N PHE B 163 -18.47 6.39 13.52
CA PHE B 163 -17.62 5.33 14.06
C PHE B 163 -18.46 4.21 14.67
N MET B 164 -19.53 4.58 15.38
CA MET B 164 -20.41 3.57 16.00
C MET B 164 -20.99 2.66 14.92
N LEU B 165 -21.31 3.26 13.78
CA LEU B 165 -21.86 2.55 12.64
C LEU B 165 -20.79 1.61 12.06
N LEU B 166 -19.59 2.14 11.87
CA LEU B 166 -18.47 1.38 11.33
C LEU B 166 -18.05 0.21 12.23
N ALA B 167 -17.98 0.48 13.53
CA ALA B 167 -17.57 -0.51 14.53
C ALA B 167 -18.67 -1.39 15.09
N GLY B 168 -19.90 -1.19 14.61
CA GLY B 168 -21.02 -1.99 15.08
C GLY B 168 -21.28 -1.82 16.57
N LEU B 169 -21.21 -0.59 17.05
CA LEU B 169 -21.44 -0.29 18.45
C LEU B 169 -22.77 0.45 18.61
N PRO B 170 -23.50 0.20 19.70
CA PRO B 170 -24.79 0.85 19.95
C PRO B 170 -24.68 2.36 20.19
N GLU B 171 -25.66 3.09 19.65
CA GLU B 171 -25.71 4.55 19.78
C GLU B 171 -25.70 5.02 21.24
N GLU B 172 -26.24 4.20 22.15
CA GLU B 172 -26.28 4.55 23.56
C GLU B 172 -24.91 4.70 24.20
N ASP B 173 -23.88 4.09 23.59
CA ASP B 173 -22.52 4.16 24.11
C ASP B 173 -21.78 5.45 23.75
N ILE B 174 -22.37 6.25 22.86
CA ILE B 174 -21.75 7.50 22.41
C ILE B 174 -21.26 8.46 23.51
N PRO B 175 -22.14 8.85 24.45
CA PRO B 175 -21.71 9.77 25.51
C PRO B 175 -20.52 9.25 26.33
N HIS B 176 -20.49 7.94 26.59
CA HIS B 176 -19.39 7.37 27.37
C HIS B 176 -18.10 7.41 26.57
N LEU B 177 -18.16 6.97 25.33
CA LEU B 177 -17.00 6.93 24.44
C LEU B 177 -16.45 8.32 24.12
N LYS B 178 -17.35 9.28 23.93
CA LYS B 178 -16.98 10.66 23.63
C LYS B 178 -16.31 11.31 24.83
N TYR B 179 -16.75 10.95 26.03
CA TYR B 179 -16.16 11.51 27.24
C TYR B 179 -14.69 11.08 27.33
N LEU B 180 -14.43 9.81 27.04
CA LEU B 180 -13.08 9.27 27.12
C LEU B 180 -12.15 9.89 26.08
N THR B 181 -12.60 9.97 24.84
CA THR B 181 -11.78 10.56 23.78
C THR B 181 -11.52 12.04 24.04
N ASP B 182 -12.53 12.75 24.56
CA ASP B 182 -12.39 14.17 24.88
C ASP B 182 -11.31 14.34 25.95
N GLN B 183 -11.31 13.48 26.96
CA GLN B 183 -10.31 13.58 28.02
C GLN B 183 -8.90 13.28 27.51
N MET B 184 -8.81 12.43 26.49
CA MET B 184 -7.53 12.07 25.91
C MET B 184 -6.90 13.19 25.10
N THR B 185 -7.67 13.78 24.19
CA THR B 185 -7.16 14.83 23.32
C THR B 185 -7.38 16.28 23.74
N ARG B 186 -8.28 16.48 24.70
CA ARG B 186 -8.57 17.82 25.22
C ARG B 186 -8.60 17.71 26.75
N PRO B 187 -7.43 17.43 27.36
CA PRO B 187 -7.25 17.27 28.80
C PRO B 187 -7.50 18.55 29.61
N ASP B 188 -7.73 18.36 30.91
CA ASP B 188 -7.98 19.48 31.82
C ASP B 188 -7.66 19.11 33.27
N GLY B 189 -6.99 17.97 33.48
CA GLY B 189 -6.62 17.56 34.82
C GLY B 189 -7.56 16.56 35.50
N SER B 190 -8.68 16.26 34.87
CA SER B 190 -9.65 15.32 35.40
C SER B 190 -9.01 13.95 35.58
N MET B 191 -8.23 13.56 34.57
CA MET B 191 -7.51 12.30 34.57
C MET B 191 -6.33 12.40 33.63
N THR B 192 -5.30 11.61 33.88
CA THR B 192 -4.10 11.63 33.05
C THR B 192 -4.36 10.94 31.72
N PHE B 193 -3.48 11.16 30.76
CA PHE B 193 -3.62 10.53 29.46
C PHE B 193 -3.63 9.01 29.62
N ALA B 194 -2.73 8.50 30.47
CA ALA B 194 -2.63 7.06 30.72
C ALA B 194 -3.96 6.52 31.24
N GLU B 195 -4.57 7.25 32.16
CA GLU B 195 -5.85 6.84 32.74
C GLU B 195 -6.97 6.84 31.72
N ALA B 196 -6.99 7.86 30.87
CA ALA B 196 -8.01 8.00 29.83
C ALA B 196 -7.84 6.87 28.80
N LYS B 197 -6.59 6.62 28.42
CA LYS B 197 -6.27 5.58 27.45
C LYS B 197 -6.70 4.21 27.99
N GLU B 198 -6.37 3.95 29.24
CA GLU B 198 -6.74 2.68 29.87
C GLU B 198 -8.25 2.48 29.96
N ALA B 199 -8.98 3.57 30.23
CA ALA B 199 -10.44 3.50 30.29
C ALA B 199 -11.00 3.15 28.91
N LEU B 200 -10.40 3.70 27.86
CA LEU B 200 -10.84 3.42 26.50
C LEU B 200 -10.61 1.93 26.22
N TYR B 201 -9.44 1.44 26.63
CA TYR B 201 -9.09 0.04 26.45
C TYR B 201 -10.00 -0.89 27.24
N ASP B 202 -10.39 -0.46 28.45
CA ASP B 202 -11.28 -1.27 29.28
C ASP B 202 -12.62 -1.48 28.54
N TYR B 203 -13.01 -0.49 27.75
CA TYR B 203 -14.25 -0.58 26.99
C TYR B 203 -14.10 -1.49 25.76
N LEU B 204 -12.96 -1.36 25.08
CA LEU B 204 -12.70 -2.14 23.86
C LEU B 204 -12.36 -3.62 24.05
N ILE B 205 -11.48 -3.92 24.99
CA ILE B 205 -11.03 -5.30 25.26
C ILE B 205 -12.13 -6.38 25.25
N PRO B 206 -13.18 -6.23 26.09
CA PRO B 206 -14.24 -7.23 26.11
C PRO B 206 -14.94 -7.42 24.77
N ILE B 207 -15.11 -6.33 24.03
CA ILE B 207 -15.76 -6.36 22.72
C ILE B 207 -14.89 -7.11 21.71
N ILE B 208 -13.59 -6.86 21.77
CA ILE B 208 -12.62 -7.50 20.90
C ILE B 208 -12.59 -9.02 21.13
N GLU B 209 -12.49 -9.42 22.40
N GLU B 209 -12.50 -9.42 22.41
CA GLU B 209 -12.47 -10.84 22.77
CA GLU B 209 -12.46 -10.84 22.77
C GLU B 209 -13.78 -11.53 22.39
C GLU B 209 -13.77 -11.52 22.39
N GLN B 210 -14.88 -10.80 22.58
CA GLN B 210 -16.21 -11.31 22.27
C GLN B 210 -16.40 -11.60 20.79
N ARG B 211 -16.00 -10.64 19.95
CA ARG B 211 -16.14 -10.77 18.50
C ARG B 211 -15.05 -11.60 17.83
N ARG B 212 -14.02 -11.97 18.59
CA ARG B 212 -12.96 -12.81 18.04
C ARG B 212 -13.54 -14.20 17.82
N GLN B 213 -14.41 -14.61 18.74
CA GLN B 213 -15.07 -15.91 18.69
C GLN B 213 -16.33 -15.89 17.83
N LYS B 214 -17.14 -14.84 18.01
CA LYS B 214 -18.38 -14.66 17.26
C LYS B 214 -18.31 -13.37 16.44
N PRO B 215 -17.57 -13.40 15.32
CA PRO B 215 -17.40 -12.25 14.44
C PRO B 215 -18.57 -11.86 13.53
N GLY B 216 -18.74 -10.56 13.36
CA GLY B 216 -19.76 -10.03 12.48
C GLY B 216 -19.03 -9.46 11.28
N THR B 217 -19.59 -8.42 10.67
CA THR B 217 -18.94 -7.80 9.52
C THR B 217 -18.46 -6.38 9.84
N ASP B 218 -18.50 -6.02 11.11
CA ASP B 218 -18.07 -4.70 11.57
C ASP B 218 -16.55 -4.65 11.67
N ALA B 219 -16.03 -3.43 11.82
CA ALA B 219 -14.59 -3.18 11.92
C ALA B 219 -13.88 -3.90 13.07
N ILE B 220 -14.48 -3.88 14.26
CA ILE B 220 -13.85 -4.53 15.40
C ILE B 220 -13.76 -6.04 15.19
N SER B 221 -14.82 -6.64 14.67
CA SER B 221 -14.82 -8.08 14.40
C SER B 221 -13.71 -8.46 13.42
N ILE B 222 -13.56 -7.68 12.35
CA ILE B 222 -12.53 -7.97 11.35
C ILE B 222 -11.13 -7.79 11.93
N VAL B 223 -10.93 -6.74 12.71
CA VAL B 223 -9.62 -6.52 13.32
C VAL B 223 -9.31 -7.65 14.29
N ALA B 224 -10.30 -8.04 15.09
CA ALA B 224 -10.14 -9.11 16.07
C ALA B 224 -9.79 -10.46 15.45
N ASN B 225 -10.23 -10.67 14.21
CA ASN B 225 -9.96 -11.93 13.53
C ASN B 225 -8.79 -11.88 12.56
N GLY B 226 -7.96 -10.85 12.70
CA GLY B 226 -6.81 -10.72 11.82
C GLY B 226 -5.64 -11.60 12.22
N GLN B 227 -4.72 -11.80 11.29
CA GLN B 227 -3.53 -12.61 11.52
C GLN B 227 -2.30 -11.73 11.30
N VAL B 228 -1.29 -11.89 12.16
CA VAL B 228 -0.05 -11.15 12.05
C VAL B 228 1.08 -12.18 12.18
N ASN B 229 1.92 -12.26 11.16
CA ASN B 229 3.04 -13.20 11.15
C ASN B 229 2.65 -14.65 11.45
N GLY B 230 1.58 -15.11 10.78
CA GLY B 230 1.12 -16.49 10.94
C GLY B 230 0.34 -16.83 12.19
N ARG B 231 0.11 -15.85 13.06
CA ARG B 231 -0.62 -16.10 14.29
C ARG B 231 -1.69 -15.04 14.53
N PRO B 232 -2.70 -15.35 15.36
CA PRO B 232 -3.77 -14.40 15.66
C PRO B 232 -3.28 -13.08 16.24
N ILE B 233 -3.93 -11.99 15.86
CA ILE B 233 -3.58 -10.68 16.39
C ILE B 233 -3.91 -10.73 17.90
N THR B 234 -3.04 -10.14 18.72
CA THR B 234 -3.26 -10.16 20.16
C THR B 234 -4.27 -9.10 20.60
N SER B 235 -4.74 -9.24 21.84
CA SER B 235 -5.68 -8.30 22.43
C SER B 235 -5.03 -6.93 22.49
N ASP B 236 -3.75 -6.91 22.88
CA ASP B 236 -2.99 -5.68 22.98
C ASP B 236 -2.87 -4.99 21.62
N GLU B 237 -2.53 -5.77 20.59
CA GLU B 237 -2.39 -5.21 19.25
C GLU B 237 -3.72 -4.68 18.70
N ALA B 238 -4.79 -5.44 18.91
CA ALA B 238 -6.12 -5.05 18.43
C ALA B 238 -6.67 -3.79 19.10
N LYS B 239 -6.47 -3.66 20.41
CA LYS B 239 -6.97 -2.50 21.12
C LYS B 239 -6.22 -1.23 20.74
N ARG B 240 -4.90 -1.35 20.57
CA ARG B 240 -4.06 -0.22 20.18
C ARG B 240 -4.35 0.26 18.76
N MET B 241 -4.76 -0.66 17.89
N MET B 241 -4.86 -0.65 17.92
CA MET B 241 -5.12 -0.27 16.53
CA MET B 241 -5.20 -0.32 16.52
C MET B 241 -6.57 0.35 16.53
C MET B 241 -6.57 0.32 16.47
N CYS B 242 -7.50 -0.31 17.19
CA CYS B 242 -8.88 0.19 17.25
C CYS B 242 -8.95 1.55 17.90
N GLY B 243 -8.05 1.80 18.85
CA GLY B 243 -8.03 3.08 19.53
C GLY B 243 -7.76 4.21 18.55
N LEU B 244 -6.88 3.96 17.59
CA LEU B 244 -6.53 4.96 16.59
C LEU B 244 -7.61 5.09 15.51
N LEU B 245 -8.22 3.96 15.15
CA LEU B 245 -9.28 3.99 14.14
C LEU B 245 -10.40 4.88 14.67
N LEU B 246 -10.50 4.96 16.00
CA LEU B 246 -11.48 5.80 16.65
C LEU B 246 -11.01 7.25 16.78
N VAL B 247 -9.89 7.45 17.46
CA VAL B 247 -9.41 8.81 17.74
C VAL B 247 -8.93 9.55 16.51
N GLY B 248 -8.32 8.83 15.57
CA GLY B 248 -7.82 9.47 14.36
C GLY B 248 -8.87 10.14 13.50
N GLY B 249 -10.12 9.69 13.61
CA GLY B 249 -11.16 10.27 12.80
C GLY B 249 -12.08 11.25 13.51
N LEU B 250 -11.72 11.67 14.72
CA LEU B 250 -12.54 12.61 15.45
C LEU B 250 -12.12 14.08 15.31
N ASP B 251 -11.13 14.51 16.11
CA ASP B 251 -10.66 15.91 16.08
C ASP B 251 -10.30 16.44 14.70
N THR B 252 -9.65 15.61 13.89
CA THR B 252 -9.28 16.03 12.53
C THR B 252 -10.51 16.44 11.73
N VAL B 253 -11.53 15.58 11.74
CA VAL B 253 -12.76 15.83 11.00
C VAL B 253 -13.54 17.01 11.58
N VAL B 254 -13.70 17.03 12.90
CA VAL B 254 -14.44 18.13 13.57
C VAL B 254 -13.85 19.47 13.16
N ASN B 255 -12.54 19.57 13.29
CA ASN B 255 -11.84 20.79 12.96
C ASN B 255 -11.83 21.15 11.48
N PHE B 256 -11.62 20.15 10.61
CA PHE B 256 -11.61 20.45 9.19
C PHE B 256 -12.98 20.91 8.69
N LEU B 257 -14.04 20.25 9.12
CA LEU B 257 -15.39 20.65 8.71
C LEU B 257 -15.66 22.09 9.18
N SER B 258 -15.14 22.42 10.37
CA SER B 258 -15.31 23.76 10.93
C SER B 258 -14.54 24.81 10.11
N PHE B 259 -13.34 24.49 9.67
CA PHE B 259 -12.57 25.44 8.84
C PHE B 259 -13.31 25.68 7.53
N SER B 260 -13.81 24.58 6.95
CA SER B 260 -14.53 24.65 5.67
C SER B 260 -15.82 25.45 5.76
N MET B 261 -16.58 25.23 6.84
CA MET B 261 -17.84 25.95 7.02
C MET B 261 -17.62 27.40 7.38
N GLU B 262 -16.53 27.70 8.09
CA GLU B 262 -16.22 29.09 8.45
C GLU B 262 -15.99 29.84 7.13
N PHE B 263 -15.19 29.24 6.26
CA PHE B 263 -14.90 29.83 4.96
C PHE B 263 -16.16 30.08 4.13
N LEU B 264 -17.01 29.06 4.01
CA LEU B 264 -18.24 29.20 3.23
C LEU B 264 -19.17 30.26 3.82
N ALA B 265 -19.21 30.35 5.15
CA ALA B 265 -20.07 31.33 5.82
C ALA B 265 -19.60 32.75 5.50
N LYS B 266 -18.30 32.89 5.26
CA LYS B 266 -17.70 34.19 4.95
C LYS B 266 -17.57 34.49 3.45
N SER B 267 -17.85 33.51 2.60
CA SER B 267 -17.71 33.70 1.16
C SER B 267 -18.97 33.33 0.39
N PRO B 268 -19.90 34.29 0.27
CA PRO B 268 -21.17 34.10 -0.44
C PRO B 268 -20.99 33.53 -1.85
N GLU B 269 -20.00 34.03 -2.59
CA GLU B 269 -19.77 33.55 -3.96
C GLU B 269 -19.45 32.07 -4.03
N HIS B 270 -18.76 31.53 -3.03
CA HIS B 270 -18.45 30.10 -3.05
C HIS B 270 -19.65 29.23 -2.68
N ARG B 271 -20.52 29.74 -1.80
CA ARG B 271 -21.73 28.98 -1.47
C ARG B 271 -22.56 28.90 -2.73
N GLN B 272 -22.71 30.04 -3.41
CA GLN B 272 -23.47 30.14 -4.65
C GLN B 272 -22.93 29.20 -5.73
N GLU B 273 -21.61 29.14 -5.83
CA GLU B 273 -20.97 28.29 -6.83
C GLU B 273 -21.37 26.83 -6.67
N LEU B 274 -21.33 26.33 -5.43
CA LEU B 274 -21.69 24.94 -5.16
C LEU B 274 -23.19 24.70 -5.26
N ILE B 275 -23.98 25.75 -5.08
CA ILE B 275 -25.44 25.65 -5.16
C ILE B 275 -25.86 25.54 -6.63
N GLU B 276 -25.21 26.33 -7.49
CA GLU B 276 -25.51 26.32 -8.93
C GLU B 276 -24.83 25.16 -9.65
N ARG B 277 -23.65 24.77 -9.16
CA ARG B 277 -22.87 23.68 -9.76
C ARG B 277 -22.58 22.62 -8.70
N PRO B 278 -23.60 21.83 -8.33
CA PRO B 278 -23.47 20.77 -7.31
C PRO B 278 -22.38 19.76 -7.66
N GLU B 279 -22.16 19.54 -8.95
CA GLU B 279 -21.15 18.59 -9.41
C GLU B 279 -19.72 18.99 -9.06
N ARG B 280 -19.53 20.25 -8.67
CA ARG B 280 -18.20 20.74 -8.30
C ARG B 280 -17.83 20.48 -6.83
N ILE B 281 -18.75 19.93 -6.06
CA ILE B 281 -18.49 19.66 -4.65
C ILE B 281 -17.28 18.76 -4.38
N PRO B 282 -17.12 17.65 -5.14
CA PRO B 282 -15.95 16.82 -4.88
C PRO B 282 -14.65 17.60 -5.11
N ALA B 283 -14.63 18.39 -6.17
CA ALA B 283 -13.46 19.21 -6.49
C ALA B 283 -13.24 20.26 -5.40
N ALA B 284 -14.36 20.86 -4.93
CA ALA B 284 -14.29 21.88 -3.88
C ALA B 284 -13.70 21.27 -2.61
N CYS B 285 -14.10 20.03 -2.31
CA CYS B 285 -13.61 19.32 -1.14
C CYS B 285 -12.09 19.23 -1.17
N GLU B 286 -11.54 18.88 -2.34
CA GLU B 286 -10.10 18.75 -2.46
C GLU B 286 -9.37 20.09 -2.28
N GLU B 287 -9.92 21.15 -2.85
CA GLU B 287 -9.32 22.48 -2.73
C GLU B 287 -9.37 22.96 -1.29
N LEU B 288 -10.48 22.67 -0.60
CA LEU B 288 -10.62 23.03 0.81
C LEU B 288 -9.61 22.24 1.64
N LEU B 289 -9.41 20.96 1.31
CA LEU B 289 -8.44 20.13 2.03
C LEU B 289 -7.05 20.74 1.92
N ARG B 290 -6.76 21.36 0.78
CA ARG B 290 -5.46 21.98 0.59
C ARG B 290 -5.35 23.30 1.38
N ARG B 291 -6.30 24.20 1.14
CA ARG B 291 -6.29 25.51 1.80
C ARG B 291 -6.42 25.48 3.33
N PHE B 292 -7.25 24.57 3.84
CA PHE B 292 -7.47 24.47 5.27
C PHE B 292 -6.84 23.25 5.91
N SER B 293 -5.75 22.79 5.31
CA SER B 293 -4.94 21.68 5.84
C SER B 293 -4.69 21.99 7.34
N LEU B 294 -4.61 20.97 8.18
CA LEU B 294 -4.51 21.20 9.61
C LEU B 294 -3.60 20.33 10.48
N VAL B 295 -2.96 19.33 9.88
CA VAL B 295 -2.10 18.45 10.66
C VAL B 295 -0.62 18.80 10.52
N ALA B 296 0.12 18.61 11.61
CA ALA B 296 1.56 18.87 11.61
C ALA B 296 2.31 18.07 12.68
N ASP B 297 2.95 16.99 12.25
CA ASP B 297 3.77 16.20 13.15
C ASP B 297 5.12 15.97 12.49
N GLY B 298 5.94 15.08 13.03
CA GLY B 298 7.23 14.89 12.42
C GLY B 298 7.83 13.51 12.53
N ARG B 299 9.16 13.49 12.44
CA ARG B 299 9.93 12.26 12.49
C ARG B 299 11.20 12.49 13.28
N ILE B 300 11.99 11.43 13.46
CA ILE B 300 13.24 11.50 14.20
C ILE B 300 14.39 10.96 13.34
N LEU B 301 15.55 11.61 13.42
CA LEU B 301 16.72 11.19 12.66
C LEU B 301 17.30 9.90 13.22
N THR B 302 17.42 8.89 12.36
CA THR B 302 17.94 7.59 12.77
C THR B 302 19.47 7.60 12.90
N SER B 303 20.11 8.52 12.21
CA SER B 303 21.57 8.66 12.24
C SER B 303 21.97 10.02 11.71
N ASP B 304 23.25 10.37 11.86
CA ASP B 304 23.75 11.65 11.34
C ASP B 304 23.50 11.62 9.84
N TYR B 305 22.91 12.68 9.33
CA TYR B 305 22.56 12.72 7.92
C TYR B 305 22.53 14.15 7.39
N GLU B 306 23.04 14.33 6.18
CA GLU B 306 23.05 15.64 5.54
C GLU B 306 21.84 15.72 4.63
N PHE B 307 20.91 16.61 4.98
CA PHE B 307 19.68 16.80 4.23
C PHE B 307 19.64 18.23 3.70
N HIS B 308 19.62 18.38 2.37
CA HIS B 308 19.57 19.68 1.71
C HIS B 308 20.62 20.66 2.21
N GLY B 309 21.88 20.21 2.22
CA GLY B 309 22.97 21.05 2.66
C GLY B 309 23.02 21.31 4.16
N VAL B 310 22.11 20.71 4.90
CA VAL B 310 22.05 20.89 6.35
C VAL B 310 22.40 19.57 7.05
N GLN B 311 23.28 19.66 8.04
CA GLN B 311 23.69 18.48 8.80
C GLN B 311 22.74 18.22 9.96
N LEU B 312 22.06 17.08 9.91
CA LEU B 312 21.12 16.68 10.94
C LEU B 312 21.79 15.63 11.81
N LYS B 313 21.68 15.79 13.13
CA LYS B 313 22.28 14.85 14.07
C LYS B 313 21.32 13.74 14.47
N LYS B 314 21.85 12.56 14.74
CA LYS B 314 21.06 11.40 15.15
C LYS B 314 20.28 11.76 16.42
N GLY B 315 18.98 11.50 16.39
CA GLY B 315 18.15 11.80 17.55
C GLY B 315 17.40 13.12 17.43
N ASP B 316 17.80 13.93 16.44
CA ASP B 316 17.15 15.21 16.20
C ASP B 316 15.70 15.00 15.73
N GLN B 317 14.81 15.84 16.24
CA GLN B 317 13.41 15.77 15.85
C GLN B 317 13.20 16.78 14.74
N ILE B 318 12.45 16.39 13.71
CA ILE B 318 12.18 17.28 12.59
C ILE B 318 10.68 17.33 12.29
N LEU B 319 10.12 18.53 12.44
CA LEU B 319 8.70 18.75 12.17
C LEU B 319 8.54 18.86 10.66
N LEU B 320 7.65 18.04 10.10
CA LEU B 320 7.35 18.01 8.67
C LEU B 320 5.85 18.28 8.54
N PRO B 321 5.45 19.56 8.69
CA PRO B 321 4.05 20.00 8.61
C PRO B 321 3.28 19.60 7.36
N GLN B 322 2.35 18.66 7.52
CA GLN B 322 1.51 18.21 6.41
C GLN B 322 0.75 19.41 5.84
N MET B 323 0.47 20.37 6.72
CA MET B 323 -0.24 21.60 6.37
C MET B 323 0.48 22.50 5.33
N LEU B 324 1.78 22.58 5.44
CA LEU B 324 2.56 23.48 4.60
C LEU B 324 2.75 23.13 3.12
N SER B 325 2.80 21.85 2.78
CA SER B 325 3.02 21.47 1.37
C SER B 325 2.08 22.15 0.37
N GLY B 326 0.78 22.12 0.68
CA GLY B 326 -0.20 22.71 -0.20
C GLY B 326 -0.26 24.23 -0.17
N LEU B 327 0.27 24.83 0.89
CA LEU B 327 0.29 26.28 1.03
C LEU B 327 1.54 26.87 0.39
N ASP B 328 2.44 25.99 -0.02
CA ASP B 328 3.71 26.37 -0.66
C ASP B 328 3.44 26.91 -2.06
N GLU B 329 3.83 28.17 -2.29
CA GLU B 329 3.65 28.82 -3.59
C GLU B 329 4.32 28.04 -4.72
N ARG B 330 5.33 27.24 -4.36
CA ARG B 330 6.05 26.44 -5.34
C ARG B 330 5.22 25.25 -5.83
N GLU B 331 4.21 24.87 -5.05
CA GLU B 331 3.32 23.77 -5.43
C GLU B 331 2.02 24.29 -6.05
N ASN B 332 1.52 25.41 -5.53
CA ASN B 332 0.27 26.00 -6.03
C ASN B 332 0.36 27.53 -6.09
N ALA B 333 0.10 28.10 -7.26
CA ALA B 333 0.14 29.54 -7.47
C ALA B 333 -0.96 30.22 -6.63
N ALA B 334 -0.62 31.32 -5.98
CA ALA B 334 -1.55 32.06 -5.12
C ALA B 334 -2.20 31.06 -4.17
N PRO B 335 -1.37 30.40 -3.34
CA PRO B 335 -1.80 29.39 -2.36
C PRO B 335 -2.90 29.74 -1.38
N MET B 336 -2.97 30.99 -0.94
CA MET B 336 -4.01 31.40 0.01
C MET B 336 -5.38 31.63 -0.62
N HIS B 337 -5.43 31.60 -1.95
CA HIS B 337 -6.68 31.80 -2.67
C HIS B 337 -7.39 30.47 -2.89
N VAL B 338 -8.68 30.44 -2.57
CA VAL B 338 -9.51 29.25 -2.76
C VAL B 338 -10.13 29.31 -4.16
N ASP B 339 -9.77 28.34 -4.99
CA ASP B 339 -10.27 28.25 -6.35
C ASP B 339 -10.77 26.83 -6.58
N PHE B 340 -12.08 26.65 -6.60
CA PHE B 340 -12.66 25.33 -6.81
C PHE B 340 -12.32 24.80 -8.20
N SER B 341 -11.93 25.70 -9.11
CA SER B 341 -11.55 25.32 -10.47
C SER B 341 -10.03 25.17 -10.63
N ARG B 342 -9.30 25.17 -9.52
CA ARG B 342 -7.84 25.02 -9.55
C ARG B 342 -7.53 23.75 -10.34
N GLN B 343 -6.80 23.89 -11.44
N GLN B 343 -6.77 23.93 -11.42
CA GLN B 343 -6.51 22.72 -12.27
CA GLN B 343 -6.39 22.85 -12.34
C GLN B 343 -5.72 21.60 -11.61
C GLN B 343 -5.71 21.66 -11.67
N LYS B 344 -4.68 21.93 -10.89
CA LYS B 344 -3.91 20.89 -10.19
C LYS B 344 -3.77 21.18 -8.71
N VAL B 345 -4.64 20.57 -7.90
CA VAL B 345 -4.61 20.76 -6.46
C VAL B 345 -3.57 19.86 -5.82
N SER B 346 -2.44 20.46 -5.44
CA SER B 346 -1.32 19.74 -4.84
C SER B 346 -1.28 19.95 -3.33
N HIS B 347 -1.21 18.85 -2.56
CA HIS B 347 -1.16 18.93 -1.11
C HIS B 347 -0.76 17.58 -0.48
N THR B 348 -0.50 17.62 0.83
CA THR B 348 -0.17 16.42 1.59
C THR B 348 -1.00 16.52 2.88
N THR B 349 -2.27 16.87 2.74
CA THR B 349 -3.16 17.05 3.89
C THR B 349 -3.38 15.79 4.71
N PHE B 350 -3.40 14.64 4.03
CA PHE B 350 -3.57 13.35 4.68
C PHE B 350 -2.21 12.70 4.95
N GLY B 351 -1.15 13.46 4.74
CA GLY B 351 0.19 12.94 4.95
C GLY B 351 0.84 12.51 3.66
N HIS B 352 1.98 11.84 3.77
CA HIS B 352 2.72 11.39 2.59
C HIS B 352 3.58 10.20 3.04
N GLY B 353 3.85 9.28 2.13
CA GLY B 353 4.66 8.13 2.52
C GLY B 353 3.85 6.99 3.09
N SER B 354 4.52 6.07 3.78
CA SER B 354 3.87 4.89 4.35
C SER B 354 2.80 5.13 5.40
N HIS B 355 2.81 6.29 6.04
CA HIS B 355 1.81 6.58 7.08
C HIS B 355 0.61 7.39 6.62
N LEU B 356 0.48 7.60 5.32
CA LEU B 356 -0.62 8.37 4.74
C LEU B 356 -1.96 7.87 5.31
N CYS B 357 -2.76 8.82 5.78
CA CYS B 357 -4.06 8.57 6.42
C CYS B 357 -4.88 7.39 5.91
N LEU B 358 -5.11 6.42 6.80
CA LEU B 358 -5.91 5.26 6.47
C LEU B 358 -7.39 5.64 6.34
N GLY B 359 -7.76 6.76 6.94
CA GLY B 359 -9.14 7.21 6.88
C GLY B 359 -9.43 8.27 5.83
N GLN B 360 -8.51 8.45 4.88
CA GLN B 360 -8.70 9.46 3.85
C GLN B 360 -9.97 9.30 3.02
N HIS B 361 -10.35 8.06 2.73
CA HIS B 361 -11.55 7.81 1.94
C HIS B 361 -12.82 8.11 2.72
N LEU B 362 -12.84 7.76 4.01
CA LEU B 362 -13.99 8.06 4.85
C LEU B 362 -14.10 9.57 5.04
N ALA B 363 -12.96 10.21 5.25
CA ALA B 363 -12.88 11.67 5.45
C ALA B 363 -13.47 12.45 4.28
N ARG B 364 -13.02 12.12 3.07
CA ARG B 364 -13.53 12.81 1.88
C ARG B 364 -15.04 12.63 1.74
N ARG B 365 -15.53 11.42 2.04
CA ARG B 365 -16.96 11.16 1.92
C ARG B 365 -17.75 11.98 2.96
N GLU B 366 -17.20 12.09 4.16
CA GLU B 366 -17.85 12.86 5.23
C GLU B 366 -17.95 14.32 4.83
N ILE B 367 -16.89 14.84 4.22
CA ILE B 367 -16.84 16.22 3.77
C ILE B 367 -17.82 16.49 2.64
N ILE B 368 -17.77 15.65 1.61
CA ILE B 368 -18.65 15.79 0.45
C ILE B 368 -20.12 15.66 0.82
N VAL B 369 -20.44 14.68 1.67
CA VAL B 369 -21.82 14.48 2.10
C VAL B 369 -22.29 15.67 2.94
N THR B 370 -21.44 16.16 3.83
CA THR B 370 -21.80 17.30 4.68
C THR B 370 -22.15 18.53 3.84
N LEU B 371 -21.26 18.89 2.91
CA LEU B 371 -21.47 20.05 2.06
C LEU B 371 -22.73 19.96 1.20
N LYS B 372 -22.95 18.79 0.61
CA LYS B 372 -24.11 18.60 -0.26
C LYS B 372 -25.42 18.66 0.53
N GLU B 373 -25.47 17.98 1.68
CA GLU B 373 -26.69 17.98 2.48
C GLU B 373 -26.97 19.33 3.15
N TRP B 374 -25.90 20.06 3.50
CA TRP B 374 -26.07 21.35 4.14
C TRP B 374 -26.54 22.42 3.13
N LEU B 375 -25.80 22.54 2.03
CA LEU B 375 -26.12 23.53 1.00
C LEU B 375 -27.47 23.30 0.36
N THR B 376 -27.94 22.07 0.41
CA THR B 376 -29.24 21.70 -0.14
C THR B 376 -30.40 22.13 0.78
N ARG B 377 -30.15 22.14 2.10
CA ARG B 377 -31.18 22.51 3.06
C ARG B 377 -31.04 23.92 3.64
N ILE B 378 -29.79 24.33 3.87
CA ILE B 378 -29.49 25.64 4.44
C ILE B 378 -28.51 26.30 3.47
N PRO B 379 -29.00 26.76 2.30
CA PRO B 379 -28.18 27.41 1.27
C PRO B 379 -27.53 28.73 1.66
N ASP B 380 -28.20 29.50 2.50
CA ASP B 380 -27.66 30.79 2.91
C ASP B 380 -27.46 30.86 4.42
N PHE B 381 -26.22 31.10 4.82
CA PHE B 381 -25.87 31.21 6.24
C PHE B 381 -24.66 32.12 6.39
N SER B 382 -24.48 32.65 7.59
CA SER B 382 -23.38 33.56 7.88
C SER B 382 -22.91 33.40 9.31
N ILE B 383 -21.81 34.07 9.63
CA ILE B 383 -21.26 34.08 10.97
C ILE B 383 -22.19 34.98 11.77
N ALA B 384 -22.50 34.61 13.01
CA ALA B 384 -23.36 35.42 13.88
C ALA B 384 -22.81 36.84 13.95
N PRO B 385 -23.69 37.85 13.88
CA PRO B 385 -23.30 39.26 13.93
C PRO B 385 -22.43 39.60 15.14
N GLY B 386 -21.33 40.30 14.89
CA GLY B 386 -20.42 40.71 15.95
C GLY B 386 -19.51 39.64 16.51
N ALA B 387 -19.66 38.40 16.05
CA ALA B 387 -18.83 37.31 16.52
C ALA B 387 -17.46 37.27 15.85
N GLN B 388 -16.47 36.77 16.58
CA GLN B 388 -15.10 36.63 16.07
C GLN B 388 -14.69 35.17 16.25
N ILE B 389 -14.30 34.54 15.16
CA ILE B 389 -13.89 33.13 15.22
C ILE B 389 -12.47 33.01 15.75
N GLN B 390 -12.25 32.04 16.63
CA GLN B 390 -10.95 31.81 17.24
C GLN B 390 -10.34 30.49 16.79
N HIS B 391 -9.08 30.53 16.35
CA HIS B 391 -8.38 29.32 15.91
C HIS B 391 -7.38 28.88 16.98
N LYS B 392 -7.03 27.59 16.94
CA LYS B 392 -6.06 26.99 17.87
C LYS B 392 -5.02 26.26 17.03
N SER B 393 -3.78 26.25 17.50
CA SER B 393 -2.68 25.61 16.77
C SER B 393 -2.02 24.49 17.58
N GLY B 394 -1.66 23.42 16.88
CA GLY B 394 -1.01 22.29 17.51
C GLY B 394 -0.74 21.21 16.49
N ILE B 395 -0.68 19.96 16.94
CA ILE B 395 -0.45 18.83 16.03
C ILE B 395 -1.65 18.76 15.08
N VAL B 396 -2.83 19.08 15.62
CA VAL B 396 -4.06 19.13 14.85
C VAL B 396 -4.67 20.49 15.20
N SER B 397 -4.53 21.44 14.28
CA SER B 397 -5.05 22.78 14.48
C SER B 397 -6.57 22.79 14.33
N GLY B 398 -7.24 23.82 14.84
CA GLY B 398 -8.68 23.85 14.74
C GLY B 398 -9.40 25.16 15.01
N VAL B 399 -10.71 25.04 15.19
CA VAL B 399 -11.60 26.17 15.45
C VAL B 399 -12.26 25.97 16.80
N GLN B 400 -12.20 26.99 17.65
CA GLN B 400 -12.78 26.96 18.99
C GLN B 400 -14.29 26.78 18.99
N ALA B 401 -14.97 27.53 18.13
CA ALA B 401 -16.42 27.51 18.02
C ALA B 401 -16.79 28.20 16.70
N LEU B 402 -17.99 27.92 16.20
CA LEU B 402 -18.43 28.51 14.95
C LEU B 402 -19.92 28.86 14.97
N PRO B 403 -20.26 30.02 15.57
CA PRO B 403 -21.66 30.44 15.62
C PRO B 403 -22.18 30.88 14.26
N LEU B 404 -23.17 30.15 13.76
CA LEU B 404 -23.77 30.45 12.47
C LEU B 404 -25.22 30.89 12.62
N VAL B 405 -25.70 31.68 11.66
CA VAL B 405 -27.09 32.15 11.66
C VAL B 405 -27.65 32.12 10.25
N TRP B 406 -28.96 32.02 10.16
CA TRP B 406 -29.66 32.00 8.87
C TRP B 406 -31.15 32.25 9.12
N ASP B 407 -31.85 32.67 8.07
CA ASP B 407 -33.29 32.90 8.14
C ASP B 407 -33.95 31.58 7.76
N PRO B 408 -34.72 30.98 8.68
CA PRO B 408 -35.40 29.71 8.40
C PRO B 408 -36.25 29.75 7.13
N ALA B 409 -36.79 30.91 6.81
CA ALA B 409 -37.63 31.08 5.61
C ALA B 409 -36.87 30.89 4.31
N THR B 410 -35.54 30.97 4.37
CA THR B 410 -34.71 30.80 3.18
C THR B 410 -34.20 29.37 3.05
N THR B 411 -34.59 28.51 3.99
CA THR B 411 -34.18 27.11 3.95
C THR B 411 -35.21 26.27 3.22
N LYS B 412 -34.85 25.03 2.89
CA LYS B 412 -35.77 24.15 2.19
C LYS B 412 -35.61 22.68 2.53
N ALA B 413 -36.74 22.02 2.83
CA ALA B 413 -36.74 20.60 3.16
C ALA B 413 -36.63 19.80 1.87
N VAL B 414 -35.87 18.71 1.91
CA VAL B 414 -35.67 17.86 0.74
C VAL B 414 -36.00 16.39 1.02
#